data_8YWI
#
_entry.id   8YWI
#
_cell.length_a   1.00
_cell.length_b   1.00
_cell.length_c   1.00
_cell.angle_alpha   90.00
_cell.angle_beta   90.00
_cell.angle_gamma   90.00
#
_symmetry.space_group_name_H-M   'P 1'
#
loop_
_entity.id
_entity.type
_entity.pdbx_description
1 polymer 'DNA polymerase'
2 polymer 'The primer strand'
3 polymer 'The template strand'
4 non-polymer 'MAGNESIUM ION'
5 non-polymer "THYMIDINE-5'-TRIPHOSPHATE"
#
loop_
_entity_poly.entity_id
_entity_poly.type
_entity_poly.pdbx_seq_one_letter_code
_entity_poly.pdbx_strand_id
1 'polypeptide(L)'
;MISIMDRSEIVARENPVITQRVTNLLQTNAPLLFMPIDIHEVRYGAYTLFMYGSLENGYKAEVRIENIPVFFDVQIEFND
TNQLFLKSLLTAENIVYERLETLTQRPVMGYREKEKEFAPYIRIFFKSLYERRKAITYLNNMGYNTAADDTTCYYRMVSR
ELKLPLTSWIQLQHYSYEPRGLVHRFSVTPEDLVSYQNDGPTDHSIVMAYDIETYSPVKGTVPDPNQANDVVFMICMRIF
WIHSTEPLASTCITMAPCKKSSEWTTILCSSEKNLLLSFAEQFSRWAPDICTGFNDSRYDWPFIVEKSMQHGILEEIFNK
MSLFWHQKLDTILKCYYVKEKRVKISAEKSIISSFLHTPGCLPIDVRNMCMQLYPKAEKTSLKAFLENCGLDSKVDLPYH
LMWKYYETRDSEKIADVAYYCIIDAQRCQDLLVRHNVIPDRREVGILSYTSLYDCIYYAGGHKVCNMLIAYAIHDEYGRI
ACSTIARGKREHGKYPGAFVIDPVKGLEQDKPTTGLDFASLYPSLIMAYNFSPEKFVASRDEANSLMAKGESLHYVSFHF
NNRLVEGWFVRHNNVPDKMGLYPKVLIDLLNKRTALKQELKKLGEKKECIHESHPGFKELQFRHAMVDAKQKALKIFMNT
FYGEAGNNLSPFFLLPLAGGVTSSGQYNLKLVYNFVINKGYGIKYGDTDSLYITCPDSLYTEVTDAYLNSQKTIKHYEQL
CHEKVLLSMKAMSTLCAEVNEYLRQDNGTSYLRMAYEEVLFPVCFTGKKKYYGIAHVNTPNFNTKELFIRGIDIIKQGQT
KLTKTIGTRIMEESMKLRRPEDHRPPLIEIVKTVLKDAVVNMKQWNFEDFIQTDAWRPDKDNKAVQIFMSRMHARREQLK
KHGAAASQFAEPEPGERFSYVIVEKQVQFDIQGHRTDSSRKGDKMEYVSEAKAKNLPIDILFYINNYVLGLCARFINENE
EFQPPDNVSNKDEYAQRRAKSYLQKFVQSIHPKDKSVIKQGNVHRQCYKYIHQEIKKKIGIFADLYKEFFNNTTNPIESF
IQSTQFMIQYFDGEQKVNHSMKKMVEQHATASNRAGKPAGNPAGNALMRAIFTQLITEEKKIVQALYNKGDAIHDLLTYI
INNINYKIATFQTKQMLTFEFSSTHVELLLKLNKTWLILAGIHVAKKHLQAFLDSYNNESPSRTFIQQAIEEECGSIKPS
CYDFIS
;
A
2 'polydeoxyribonucleotide'
;(DA)(DG)(DC)(DT)(DA)(DT)(DG)(DA)(DC)(DC)(DA)(DT)(DG)(DA)(DT)(DT)(DA)(DC)(DG)(DA)
(DA)(DT)(DT)(DG)(DC)
;
P
3 'polydeoxyribonucleotide'
;(DC)(DT)(DG)(DC)(DA)(DC)(DG)(DA)(DA)(DT)(DT)(DA)(DA)(DG)(DC)(DA)(DA)(DT)(DT)(DC)
(DG)(DT)(DA)(DA)(DT)(DC)(DA)(DT)(DG)(DG)(DT)(DC)(DA)(DT)(DA)(DG)(DC)(DT)
;
T
#
loop_
_chem_comp.id
_chem_comp.type
_chem_comp.name
_chem_comp.formula
DA DNA linking 2'-DEOXYADENOSINE-5'-MONOPHOSPHATE 'C10 H14 N5 O6 P'
DC DNA linking 2'-DEOXYCYTIDINE-5'-MONOPHOSPHATE 'C9 H14 N3 O7 P'
DG DNA linking 2'-DEOXYGUANOSINE-5'-MONOPHOSPHATE 'C10 H14 N5 O7 P'
DT DNA linking THYMIDINE-5'-MONOPHOSPHATE 'C10 H15 N2 O8 P'
MG non-polymer 'MAGNESIUM ION' 'Mg 2'
TTP non-polymer THYMIDINE-5'-TRIPHOSPHATE 'C10 H17 N2 O14 P3'
#
# COMPACT_ATOMS: atom_id res chain seq x y z
N SER A 3 17.36 26.45 27.74
CA SER A 3 17.56 27.09 29.03
C SER A 3 18.20 26.13 30.03
N ILE A 4 17.64 24.93 30.14
CA ILE A 4 18.15 23.92 31.05
C ILE A 4 18.87 22.80 30.32
N MET A 5 18.39 22.43 29.13
CA MET A 5 18.97 21.34 28.37
C MET A 5 18.62 21.43 26.90
N ASP A 6 19.59 21.68 26.05
CA ASP A 6 19.39 21.79 24.62
C ASP A 6 19.91 20.54 23.91
N ARG A 7 19.82 20.55 22.58
CA ARG A 7 20.21 19.38 21.79
C ARG A 7 21.70 19.12 21.90
N SER A 8 22.53 20.17 21.87
CA SER A 8 23.97 19.99 21.85
C SER A 8 24.48 19.31 23.11
N GLU A 9 23.96 19.73 24.28
CA GLU A 9 24.39 19.11 25.52
C GLU A 9 23.98 17.64 25.59
N ILE A 10 22.77 17.33 25.12
CA ILE A 10 22.31 15.93 25.14
C ILE A 10 23.19 15.07 24.24
N VAL A 11 23.46 15.54 23.02
CA VAL A 11 24.25 14.73 22.10
C VAL A 11 25.71 14.66 22.51
N ALA A 12 26.21 15.65 23.27
CA ALA A 12 27.55 15.56 23.81
C ALA A 12 27.62 14.58 24.97
N ARG A 13 26.58 14.56 25.80
CA ARG A 13 26.56 13.61 26.91
C ARG A 13 26.41 12.17 26.43
N GLU A 14 25.62 11.96 25.37
CA GLU A 14 25.37 10.60 24.90
C GLU A 14 26.58 10.03 24.17
N ASN A 15 27.22 10.82 23.32
CA ASN A 15 28.33 10.36 22.47
C ASN A 15 29.52 11.29 22.63
N PRO A 16 30.33 11.11 23.67
CA PRO A 16 31.46 12.03 23.88
C PRO A 16 32.60 11.83 22.90
N VAL A 17 32.98 10.57 22.61
CA VAL A 17 34.12 10.32 21.75
C VAL A 17 33.84 10.79 20.33
N ILE A 18 32.65 10.50 19.81
CA ILE A 18 32.30 10.96 18.46
C ILE A 18 32.22 12.48 18.43
N THR A 19 31.74 13.10 19.51
CA THR A 19 31.70 14.55 19.57
C THR A 19 33.10 15.15 19.50
N GLN A 20 34.03 14.59 20.25
CA GLN A 20 35.42 15.06 20.20
C GLN A 20 36.01 14.88 18.82
N ARG A 21 35.74 13.72 18.19
CA ARG A 21 36.22 13.48 16.84
C ARG A 21 35.69 14.55 15.87
N VAL A 22 34.37 14.77 15.88
CA VAL A 22 33.77 15.71 14.94
C VAL A 22 34.28 17.12 15.19
N THR A 23 34.50 17.47 16.46
CA THR A 23 35.11 18.76 16.76
C THR A 23 36.51 18.87 16.15
N ASN A 24 37.30 17.80 16.24
CA ASN A 24 38.63 17.83 15.65
C ASN A 24 38.58 18.00 14.14
N LEU A 25 37.69 17.25 13.47
CA LEU A 25 37.59 17.39 12.03
C LEU A 25 37.08 18.77 11.62
N LEU A 26 36.14 19.34 12.38
CA LEU A 26 35.65 20.67 12.07
C LEU A 26 36.74 21.72 12.22
N GLN A 27 37.56 21.59 13.28
CA GLN A 27 38.68 22.52 13.46
C GLN A 27 39.70 22.35 12.34
N THR A 28 39.99 21.12 11.94
CA THR A 28 40.97 20.84 10.91
C THR A 28 40.41 21.06 9.49
N ASN A 29 39.09 21.17 9.35
CA ASN A 29 38.41 21.27 8.06
C ASN A 29 38.71 20.01 7.23
N ALA A 30 38.16 18.91 7.73
CA ALA A 30 38.32 17.58 7.15
C ALA A 30 36.97 17.07 6.63
N PRO A 31 36.99 16.12 5.69
CA PRO A 31 35.73 15.58 5.17
C PRO A 31 34.88 14.97 6.27
N LEU A 32 33.56 15.18 6.17
CA LEU A 32 32.62 14.79 7.20
C LEU A 32 31.52 13.92 6.60
N LEU A 33 30.59 13.50 7.45
CA LEU A 33 29.45 12.71 7.03
C LEU A 33 28.16 13.42 7.43
N PHE A 34 27.15 13.34 6.56
CA PHE A 34 25.90 14.05 6.75
C PHE A 34 24.77 13.12 6.32
N MET A 35 23.60 13.26 6.95
CA MET A 35 22.47 12.45 6.52
C MET A 35 21.19 13.28 6.54
N PRO A 36 20.50 13.42 5.41
CA PRO A 36 19.36 14.34 5.31
C PRO A 36 18.03 13.72 5.74
N ILE A 37 17.10 14.61 6.09
CA ILE A 37 15.73 14.21 6.39
C ILE A 37 14.76 15.03 5.55
N ASP A 38 14.85 16.35 5.66
CA ASP A 38 13.90 17.26 5.02
C ASP A 38 14.58 18.04 3.89
N ILE A 39 13.76 18.40 2.90
CA ILE A 39 14.23 19.10 1.70
C ILE A 39 13.35 20.33 1.48
N HIS A 40 13.99 21.47 1.23
CA HIS A 40 13.28 22.71 0.93
C HIS A 40 14.03 23.44 -0.18
N GLU A 41 13.29 24.18 -1.01
CA GLU A 41 13.90 24.87 -2.13
C GLU A 41 13.17 26.19 -2.36
N VAL A 42 13.86 27.09 -3.06
CA VAL A 42 13.35 28.42 -3.39
C VAL A 42 13.11 28.49 -4.89
N ARG A 43 12.00 29.11 -5.28
CA ARG A 43 11.62 29.18 -6.68
C ARG A 43 12.10 30.47 -7.34
N TYR A 44 11.68 31.61 -6.82
CA TYR A 44 12.07 32.90 -7.38
C TYR A 44 13.52 33.22 -7.02
N GLY A 45 14.23 33.81 -7.98
CA GLY A 45 15.63 34.13 -7.78
C GLY A 45 16.54 32.96 -8.05
N ALA A 46 17.80 33.10 -7.62
CA ALA A 46 18.77 32.04 -7.80
C ALA A 46 18.34 30.80 -7.04
N TYR A 47 18.49 29.64 -7.69
CA TYR A 47 18.01 28.38 -7.15
C TYR A 47 19.09 27.78 -6.24
N THR A 48 18.77 27.65 -4.96
CA THR A 48 19.62 26.98 -3.99
C THR A 48 18.83 25.88 -3.31
N LEU A 49 19.45 24.73 -3.10
CA LEU A 49 18.77 23.59 -2.49
C LEU A 49 19.17 23.48 -1.03
N PHE A 50 18.18 23.37 -0.16
CA PHE A 50 18.39 23.28 1.27
C PHE A 50 18.15 21.85 1.74
N MET A 51 19.10 21.32 2.51
CA MET A 51 18.95 20.01 3.14
C MET A 51 19.12 20.19 4.64
N TYR A 52 18.23 19.57 5.41
CA TYR A 52 18.30 19.61 6.86
C TYR A 52 18.49 18.20 7.37
N GLY A 53 19.44 18.02 8.29
CA GLY A 53 19.72 16.67 8.74
C GLY A 53 20.70 16.58 9.89
N SER A 54 21.36 15.43 10.01
CA SER A 54 22.17 15.14 11.18
C SER A 54 23.60 14.78 10.79
N LEU A 55 24.52 15.08 11.70
CA LEU A 55 25.90 14.66 11.59
C LEU A 55 26.08 13.32 12.29
N GLU A 56 27.33 12.90 12.50
CA GLU A 56 27.58 11.59 13.09
C GLU A 56 27.22 11.54 14.56
N ASN A 57 27.60 12.57 15.33
CA ASN A 57 27.36 12.55 16.76
C ASN A 57 25.91 12.86 17.12
N GLY A 58 25.24 13.70 16.34
CA GLY A 58 23.87 14.07 16.63
C GLY A 58 23.58 15.54 16.43
N TYR A 59 24.60 16.29 16.02
CA TYR A 59 24.41 17.70 15.76
C TYR A 59 23.46 17.92 14.59
N LYS A 60 22.66 18.98 14.68
CA LYS A 60 21.78 19.36 13.58
C LYS A 60 22.54 20.24 12.61
N ALA A 61 22.38 19.96 11.32
CA ALA A 61 23.09 20.69 10.27
C ALA A 61 22.13 21.03 9.15
N GLU A 62 22.39 22.15 8.48
CA GLU A 62 21.71 22.51 7.25
C GLU A 62 22.75 22.81 6.19
N VAL A 63 22.59 22.21 5.02
CA VAL A 63 23.55 22.29 3.93
C VAL A 63 22.83 22.90 2.74
N ARG A 64 23.39 23.97 2.20
CA ARG A 64 22.82 24.67 1.06
C ARG A 64 23.72 24.50 -0.16
N ILE A 65 23.14 24.03 -1.25
CA ILE A 65 23.85 23.77 -2.49
C ILE A 65 23.50 24.88 -3.48
N GLU A 66 24.54 25.54 -3.99
CA GLU A 66 24.43 26.55 -5.02
C GLU A 66 24.94 26.00 -6.34
N ASN A 67 24.76 26.81 -7.39
CA ASN A 67 25.26 26.49 -8.73
C ASN A 67 24.74 25.15 -9.24
N ILE A 68 23.49 24.81 -8.91
CA ILE A 68 22.83 23.66 -9.50
C ILE A 68 22.29 24.08 -10.85
N PRO A 69 22.71 23.45 -11.95
CA PRO A 69 22.25 23.89 -13.28
C PRO A 69 20.76 23.67 -13.46
N VAL A 70 20.14 24.59 -14.19
CA VAL A 70 18.72 24.52 -14.54
C VAL A 70 18.63 24.53 -16.06
N PHE A 71 18.02 23.49 -16.62
CA PHE A 71 18.00 23.32 -18.06
C PHE A 71 16.85 22.39 -18.45
N PHE A 72 16.50 22.44 -19.73
CA PHE A 72 15.60 21.44 -20.28
C PHE A 72 15.85 21.31 -21.77
N ASP A 73 15.45 20.17 -22.33
CA ASP A 73 15.83 19.77 -23.67
C ASP A 73 14.63 19.74 -24.62
N VAL A 74 14.89 20.08 -25.88
CA VAL A 74 13.94 19.92 -26.97
C VAL A 74 14.66 19.16 -28.09
N GLN A 75 13.87 18.55 -28.97
CA GLN A 75 14.47 17.69 -29.99
C GLN A 75 14.99 18.48 -31.19
N ILE A 76 14.08 19.12 -31.92
CA ILE A 76 14.33 19.87 -33.15
C ILE A 76 15.58 19.40 -33.90
N GLU A 77 16.52 20.31 -34.14
CA GLU A 77 17.67 20.05 -35.00
C GLU A 77 18.80 20.98 -34.58
N PHE A 78 19.96 20.80 -35.21
CA PHE A 78 21.16 21.58 -34.92
C PHE A 78 21.26 22.86 -35.73
N ASN A 79 20.31 23.13 -36.62
CA ASN A 79 20.42 24.27 -37.52
C ASN A 79 20.47 25.59 -36.73
N ASP A 80 21.40 26.46 -37.14
CA ASP A 80 21.51 27.77 -36.50
C ASP A 80 20.27 28.62 -36.71
N THR A 81 19.64 28.50 -37.89
CA THR A 81 18.38 29.20 -38.12
C THR A 81 17.32 28.72 -37.14
N ASN A 82 17.29 27.42 -36.86
CA ASN A 82 16.36 26.90 -35.86
C ASN A 82 16.66 27.47 -34.48
N GLN A 83 17.94 27.59 -34.12
CA GLN A 83 18.29 28.16 -32.83
C GLN A 83 17.83 29.61 -32.73
N LEU A 84 18.07 30.40 -33.77
CA LEU A 84 17.65 31.79 -33.76
C LEU A 84 16.13 31.91 -33.70
N PHE A 85 15.42 31.07 -34.45
CA PHE A 85 13.97 31.10 -34.44
C PHE A 85 13.42 30.75 -33.06
N LEU A 86 13.99 29.73 -32.43
CA LEU A 86 13.54 29.33 -31.10
C LEU A 86 13.82 30.43 -30.08
N LYS A 87 15.00 31.04 -30.14
CA LYS A 87 15.31 32.09 -29.18
C LYS A 87 14.44 33.32 -29.40
N SER A 88 14.12 33.64 -30.66
CA SER A 88 13.21 34.75 -30.93
C SER A 88 11.83 34.46 -30.37
N LEU A 89 11.32 33.24 -30.57
CA LEU A 89 10.02 32.89 -30.00
C LEU A 89 10.05 32.99 -28.48
N LEU A 90 11.13 32.49 -27.87
CA LEU A 90 11.20 32.46 -26.41
C LEU A 90 11.26 33.87 -25.84
N THR A 91 12.00 34.77 -26.50
CA THR A 91 12.09 36.15 -26.02
C THR A 91 10.88 36.99 -26.40
N ALA A 92 10.06 36.54 -27.35
CA ALA A 92 8.87 37.29 -27.72
C ALA A 92 7.81 37.28 -26.62
N GLU A 93 7.89 36.33 -25.67
CA GLU A 93 6.89 36.21 -24.61
C GLU A 93 7.47 36.63 -23.26
N ASN A 94 8.51 37.46 -23.27
CA ASN A 94 9.11 38.01 -22.05
C ASN A 94 9.65 36.91 -21.14
N ILE A 95 10.54 36.09 -21.71
CA ILE A 95 11.25 35.07 -20.96
C ILE A 95 12.73 35.22 -21.26
N VAL A 96 13.55 35.27 -20.21
CA VAL A 96 14.99 35.48 -20.33
C VAL A 96 15.69 34.15 -20.10
N TYR A 97 16.67 33.84 -20.96
CA TYR A 97 17.45 32.63 -20.90
C TYR A 97 18.94 32.98 -20.80
N GLU A 98 19.74 32.01 -20.40
CA GLU A 98 21.17 32.22 -20.22
C GLU A 98 21.97 31.86 -21.47
N ARG A 99 21.89 30.61 -21.90
CA ARG A 99 22.67 30.14 -23.03
C ARG A 99 22.04 28.88 -23.60
N LEU A 100 22.53 28.46 -24.76
CA LEU A 100 22.01 27.30 -25.48
C LEU A 100 23.14 26.33 -25.78
N GLU A 101 22.82 25.04 -25.79
CA GLU A 101 23.82 24.02 -26.11
C GLU A 101 23.16 22.93 -26.95
N THR A 102 24.00 22.12 -27.60
CA THR A 102 23.55 21.05 -28.48
C THR A 102 24.19 19.74 -28.05
N LEU A 103 23.47 18.63 -28.31
CA LEU A 103 23.98 17.30 -27.98
C LEU A 103 23.17 16.26 -28.76
N THR A 104 23.51 14.98 -28.55
CA THR A 104 22.86 13.87 -29.24
C THR A 104 22.40 12.83 -28.22
N GLN A 105 21.19 12.30 -28.44
CA GLN A 105 20.57 11.38 -27.51
C GLN A 105 19.69 10.41 -28.29
N ARG A 106 19.38 9.27 -27.65
CA ARG A 106 18.51 8.29 -28.31
C ARG A 106 17.07 8.44 -27.81
N PRO A 107 16.10 8.58 -28.70
CA PRO A 107 14.70 8.64 -28.27
C PRO A 107 14.22 7.33 -27.68
N VAL A 108 13.16 7.41 -26.89
CA VAL A 108 12.64 6.25 -26.19
C VAL A 108 11.51 5.54 -26.95
N MET A 109 10.79 6.25 -27.80
CA MET A 109 9.65 5.69 -28.52
C MET A 109 10.05 5.34 -29.94
N GLY A 110 9.78 4.10 -30.34
CA GLY A 110 10.08 3.64 -31.67
C GLY A 110 11.37 2.85 -31.74
N TYR A 111 11.49 2.04 -32.78
CA TYR A 111 12.67 1.22 -33.02
C TYR A 111 13.43 1.75 -34.23
N ARG A 112 14.74 1.93 -34.06
CA ARG A 112 15.61 2.37 -35.14
C ARG A 112 16.80 1.43 -35.25
N GLU A 113 17.36 1.34 -36.46
CA GLU A 113 18.53 0.53 -36.67
C GLU A 113 19.77 1.20 -36.06
N LYS A 114 20.91 0.51 -36.14
CA LYS A 114 22.12 1.02 -35.53
C LYS A 114 22.66 2.26 -36.22
N GLU A 115 22.50 2.35 -37.55
CA GLU A 115 23.05 3.46 -38.31
C GLU A 115 22.24 4.75 -38.18
N LYS A 116 21.02 4.68 -37.65
CA LYS A 116 20.17 5.86 -37.49
C LYS A 116 19.51 5.84 -36.11
N GLU A 117 20.32 5.56 -35.07
CA GLU A 117 19.80 5.48 -33.72
C GLU A 117 19.79 6.81 -32.98
N PHE A 118 20.80 7.65 -33.19
CA PHE A 118 20.97 8.87 -32.43
C PHE A 118 20.27 10.04 -33.09
N ALA A 119 19.69 10.91 -32.27
CA ALA A 119 18.91 12.06 -32.69
C ALA A 119 19.39 13.32 -31.99
N PRO A 120 19.32 14.47 -32.65
CA PRO A 120 19.84 15.70 -32.06
C PRO A 120 18.91 16.28 -31.01
N TYR A 121 19.49 17.08 -30.12
CA TYR A 121 18.78 17.73 -29.03
C TYR A 121 19.43 19.07 -28.75
N ILE A 122 18.60 20.05 -28.38
CA ILE A 122 19.05 21.37 -27.97
C ILE A 122 18.61 21.59 -26.53
N ARG A 123 19.56 21.92 -25.66
CA ARG A 123 19.28 22.18 -24.26
C ARG A 123 19.35 23.68 -23.98
N ILE A 124 18.33 24.18 -23.29
CA ILE A 124 18.22 25.59 -22.91
C ILE A 124 18.40 25.70 -21.42
N PHE A 125 19.26 26.61 -20.98
CA PHE A 125 19.55 26.88 -19.59
C PHE A 125 18.72 28.05 -19.08
N PHE A 126 18.57 28.12 -17.77
CA PHE A 126 17.67 29.09 -17.15
C PHE A 126 18.17 29.40 -15.74
N LYS A 127 17.64 30.49 -15.17
CA LYS A 127 17.79 30.77 -13.76
C LYS A 127 16.39 30.96 -13.19
N SER A 128 16.18 30.44 -11.97
CA SER A 128 14.89 30.42 -11.29
C SER A 128 13.93 29.45 -11.96
N LEU A 129 13.13 28.74 -11.15
CA LEU A 129 12.26 27.70 -11.69
C LEU A 129 11.04 28.28 -12.41
N TYR A 130 10.66 29.52 -12.07
CA TYR A 130 9.45 30.11 -12.63
C TYR A 130 9.56 30.26 -14.15
N GLU A 131 10.67 30.86 -14.61
CA GLU A 131 10.87 31.07 -16.04
C GLU A 131 10.96 29.74 -16.78
N ARG A 132 11.65 28.76 -16.19
CA ARG A 132 11.76 27.45 -16.80
C ARG A 132 10.39 26.80 -16.97
N ARG A 133 9.56 26.86 -15.93
CA ARG A 133 8.22 26.27 -16.02
C ARG A 133 7.38 26.95 -17.08
N LYS A 134 7.45 28.28 -17.13
CA LYS A 134 6.68 29.01 -18.14
C LYS A 134 7.14 28.63 -19.54
N ALA A 135 8.45 28.53 -19.74
CA ALA A 135 8.97 28.14 -21.05
C ALA A 135 8.54 26.73 -21.44
N ILE A 136 8.58 25.80 -20.48
CA ILE A 136 8.15 24.43 -20.75
C ILE A 136 6.69 24.41 -21.18
N THR A 137 5.83 25.10 -20.43
CA THR A 137 4.41 25.11 -20.78
C THR A 137 4.18 25.72 -22.16
N TYR A 138 4.83 26.85 -22.45
CA TYR A 138 4.62 27.51 -23.74
C TYR A 138 5.10 26.63 -24.89
N LEU A 139 6.29 26.04 -24.76
CA LEU A 139 6.82 25.23 -25.84
C LEU A 139 6.00 23.97 -26.05
N ASN A 140 5.54 23.34 -24.97
CA ASN A 140 4.70 22.16 -25.11
C ASN A 140 3.37 22.51 -25.79
N ASN A 141 2.77 23.64 -25.40
CA ASN A 141 1.52 24.05 -26.04
C ASN A 141 1.73 24.37 -27.51
N MET A 142 2.89 24.92 -27.87
CA MET A 142 3.16 25.24 -29.27
C MET A 142 3.30 24.00 -30.14
N GLY A 143 3.54 22.84 -29.54
CA GLY A 143 3.65 21.60 -30.30
C GLY A 143 5.08 21.16 -30.58
N TYR A 144 5.91 21.17 -29.54
CA TYR A 144 7.31 20.77 -29.64
C TYR A 144 7.59 19.62 -28.70
N ASN A 145 8.29 18.60 -29.20
CA ASN A 145 8.72 17.50 -28.35
C ASN A 145 9.79 17.98 -27.38
N THR A 146 9.69 17.52 -26.13
CA THR A 146 10.60 17.97 -25.09
C THR A 146 11.08 16.79 -24.25
N ALA A 147 12.30 16.91 -23.74
CA ALA A 147 12.86 15.94 -22.81
C ALA A 147 12.93 16.55 -21.42
N ALA A 148 13.54 15.84 -20.47
CA ALA A 148 13.55 16.27 -19.08
C ALA A 148 12.12 16.47 -18.60
N ASP A 149 11.63 17.70 -18.68
CA ASP A 149 10.20 18.00 -18.53
C ASP A 149 9.65 17.61 -17.17
N ASP A 150 10.17 18.21 -16.11
CA ASP A 150 9.62 17.97 -14.78
C ASP A 150 9.14 19.29 -14.19
N THR A 151 7.83 19.55 -14.27
CA THR A 151 7.29 20.85 -13.90
C THR A 151 6.91 20.96 -12.43
N THR A 152 6.59 19.85 -11.78
CA THR A 152 6.12 19.90 -10.40
C THR A 152 7.27 20.08 -9.41
N CYS A 153 8.18 19.11 -9.36
CA CYS A 153 9.32 19.16 -8.47
C CYS A 153 10.61 18.98 -9.26
N TYR A 154 11.66 19.67 -8.83
CA TYR A 154 12.93 19.65 -9.53
C TYR A 154 14.03 18.88 -8.82
N TYR A 155 13.91 18.64 -7.51
CA TYR A 155 14.96 17.92 -6.81
C TYR A 155 15.04 16.47 -7.22
N ARG A 156 13.95 15.90 -7.74
CA ARG A 156 14.00 14.54 -8.28
C ARG A 156 14.95 14.46 -9.46
N MET A 157 14.88 15.44 -10.37
CA MET A 157 15.78 15.47 -11.52
C MET A 157 17.23 15.64 -11.07
N VAL A 158 17.48 16.49 -10.09
CA VAL A 158 18.83 16.68 -9.57
C VAL A 158 19.35 15.38 -8.98
N SER A 159 18.53 14.69 -8.19
CA SER A 159 18.96 13.45 -7.57
C SER A 159 19.25 12.38 -8.61
N ARG A 160 18.41 12.28 -9.65
CA ARG A 160 18.62 11.26 -10.66
C ARG A 160 19.73 11.60 -11.64
N GLU A 161 20.12 12.88 -11.74
CA GLU A 161 21.18 13.27 -12.66
C GLU A 161 22.55 13.28 -12.00
N LEU A 162 22.62 13.64 -10.72
CA LEU A 162 23.90 13.71 -10.02
C LEU A 162 24.25 12.42 -9.30
N LYS A 163 23.41 11.39 -9.40
CA LYS A 163 23.62 10.12 -8.70
C LYS A 163 23.81 10.33 -7.20
N LEU A 164 23.01 11.22 -6.64
CA LEU A 164 23.12 11.59 -5.22
C LEU A 164 21.82 11.29 -4.51
N PRO A 165 21.64 10.11 -3.92
CA PRO A 165 20.41 9.83 -3.17
C PRO A 165 20.16 10.84 -2.06
N LEU A 166 18.90 11.26 -1.91
CA LEU A 166 18.59 12.23 -0.87
C LEU A 166 18.18 11.55 0.42
N THR A 167 18.26 10.22 0.47
CA THR A 167 17.86 9.45 1.64
C THR A 167 18.94 8.46 2.05
N SER A 168 20.19 8.93 2.14
CA SER A 168 21.32 8.09 2.52
C SER A 168 22.46 8.99 2.97
N TRP A 169 23.56 8.36 3.39
CA TRP A 169 24.72 9.12 3.84
C TRP A 169 25.36 9.87 2.68
N ILE A 170 25.87 11.06 2.97
CA ILE A 170 26.60 11.88 2.01
C ILE A 170 27.90 12.32 2.66
N GLN A 171 28.99 12.24 1.90
CA GLN A 171 30.31 12.63 2.36
C GLN A 171 30.60 14.07 1.92
N LEU A 172 30.97 14.91 2.87
CA LEU A 172 31.23 16.32 2.62
C LEU A 172 32.73 16.55 2.50
N GLN A 173 33.15 17.10 1.36
CA GLN A 173 34.54 17.46 1.11
C GLN A 173 34.60 18.88 0.59
N HIS A 174 35.59 19.64 1.07
CA HIS A 174 35.86 21.00 0.58
C HIS A 174 34.63 21.90 0.74
N TYR A 175 34.26 22.13 2.00
CA TYR A 175 33.08 22.90 2.34
C TYR A 175 33.46 24.23 2.97
N SER A 176 32.44 25.07 3.17
CA SER A 176 32.58 26.31 3.93
C SER A 176 31.68 26.22 5.16
N TYR A 177 32.23 26.54 6.33
CA TYR A 177 31.57 26.28 7.60
C TYR A 177 31.33 27.58 8.35
N GLU A 178 30.19 27.65 9.05
CA GLU A 178 29.87 28.79 9.90
C GLU A 178 28.93 28.38 11.02
N PRO A 179 29.35 28.47 12.27
CA PRO A 179 28.47 28.07 13.38
C PRO A 179 27.53 29.19 13.80
N ARG A 180 26.22 28.98 13.67
CA ARG A 180 25.24 29.99 14.05
C ARG A 180 24.34 29.38 15.12
N GLY A 181 24.55 29.79 16.37
CA GLY A 181 23.77 29.30 17.48
C GLY A 181 23.83 27.79 17.63
N LEU A 182 22.72 27.13 17.35
CA LEU A 182 22.65 25.67 17.44
C LEU A 182 22.89 24.98 16.11
N VAL A 183 22.83 25.71 15.00
CA VAL A 183 22.96 25.11 13.69
C VAL A 183 24.35 25.37 13.14
N HIS A 184 24.73 24.54 12.17
CA HIS A 184 26.04 24.59 11.53
C HIS A 184 25.84 24.86 10.05
N ARG A 185 25.89 26.13 9.66
CA ARG A 185 25.78 26.49 8.25
C ARG A 185 26.90 25.86 7.45
N PHE A 186 26.54 25.13 6.40
CA PHE A 186 27.48 24.54 5.47
C PHE A 186 27.17 25.03 4.06
N SER A 187 28.18 25.53 3.37
CA SER A 187 28.07 25.97 1.99
C SER A 187 28.92 25.08 1.11
N VAL A 188 28.32 24.51 0.07
CA VAL A 188 28.95 23.52 -0.78
C VAL A 188 28.65 23.84 -2.24
N THR A 189 29.21 23.03 -3.12
CA THR A 189 29.15 23.18 -4.57
C THR A 189 29.03 21.78 -5.16
N PRO A 190 28.23 21.59 -6.22
CA PRO A 190 27.90 20.22 -6.63
C PRO A 190 29.10 19.36 -7.00
N GLU A 191 30.21 19.93 -7.47
CA GLU A 191 31.39 19.09 -7.73
C GLU A 191 31.97 18.52 -6.46
N ASP A 192 31.60 19.07 -5.29
CA ASP A 192 31.93 18.48 -4.00
C ASP A 192 30.96 17.35 -3.71
N LEU A 193 30.91 16.93 -2.44
CA LEU A 193 30.05 15.83 -1.99
C LEU A 193 30.53 14.50 -2.56
N VAL A 194 29.57 13.65 -2.95
CA VAL A 194 29.61 12.26 -3.44
C VAL A 194 28.98 11.38 -2.37
N SER A 195 28.48 10.22 -2.78
CA SER A 195 27.75 9.31 -1.91
C SER A 195 28.72 8.39 -1.18
N TYR A 196 28.27 7.82 -0.07
CA TYR A 196 29.08 6.91 0.73
C TYR A 196 28.73 5.48 0.34
N GLN A 197 29.68 4.78 -0.31
CA GLN A 197 29.39 3.45 -0.82
C GLN A 197 29.35 2.41 0.31
N ASN A 198 30.25 2.54 1.28
CA ASN A 198 30.35 1.55 2.34
C ASN A 198 29.12 1.62 3.26
N ASP A 199 29.09 0.73 4.24
CA ASP A 199 28.00 0.72 5.22
C ASP A 199 28.31 1.77 6.29
N GLY A 200 27.38 2.70 6.49
CA GLY A 200 27.60 3.81 7.36
C GLY A 200 27.39 3.46 8.82
N PRO A 201 27.65 4.43 9.69
CA PRO A 201 27.47 4.20 11.13
C PRO A 201 26.02 4.05 11.53
N THR A 202 25.77 3.92 12.83
CA THR A 202 24.44 3.59 13.33
C THR A 202 23.42 4.70 13.13
N ASP A 203 23.87 5.92 12.80
CA ASP A 203 23.01 7.07 12.57
C ASP A 203 22.35 7.56 13.85
N HIS A 204 22.18 8.87 13.97
CA HIS A 204 21.66 9.51 15.17
C HIS A 204 20.77 10.69 14.77
N SER A 205 19.47 10.44 14.69
CA SER A 205 18.47 11.46 14.41
C SER A 205 17.42 11.47 15.51
N ILE A 206 16.67 12.58 15.58
CA ILE A 206 15.76 12.83 16.68
C ILE A 206 14.33 12.90 16.17
N VAL A 207 13.43 12.15 16.82
CA VAL A 207 12.02 12.15 16.51
C VAL A 207 11.24 12.46 17.79
N MET A 208 10.29 13.38 17.68
CA MET A 208 9.49 13.83 18.81
C MET A 208 8.04 13.45 18.61
N ALA A 209 7.49 12.73 19.59
CA ALA A 209 6.09 12.33 19.58
C ALA A 209 5.33 13.21 20.57
N TYR A 210 4.18 13.73 20.13
CA TYR A 210 3.44 14.68 20.94
C TYR A 210 1.95 14.36 20.91
N ASP A 211 1.25 14.82 21.95
CA ASP A 211 -0.21 14.72 21.98
C ASP A 211 -0.77 15.83 22.85
N ILE A 212 -2.07 16.09 22.66
CA ILE A 212 -2.76 17.21 23.31
C ILE A 212 -4.05 16.73 23.94
N GLU A 213 -4.53 17.51 24.91
CA GLU A 213 -5.79 17.27 25.59
C GLU A 213 -6.53 18.59 25.73
N THR A 214 -7.80 18.59 25.32
CA THR A 214 -8.65 19.76 25.23
C THR A 214 -9.92 19.57 26.06
N TYR A 215 -10.65 20.66 26.27
CA TYR A 215 -11.82 20.66 27.14
C TYR A 215 -12.91 21.53 26.53
N SER A 216 -14.17 21.21 26.87
CA SER A 216 -15.34 21.97 26.46
C SER A 216 -16.32 22.04 27.62
N PRO A 217 -17.07 23.13 27.75
CA PRO A 217 -17.98 23.26 28.89
C PRO A 217 -19.34 22.59 28.67
N VAL A 218 -19.75 22.45 27.42
CA VAL A 218 -21.02 21.81 27.09
C VAL A 218 -20.83 20.30 27.06
N LYS A 219 -21.79 19.59 27.65
CA LYS A 219 -21.70 18.15 27.78
C LYS A 219 -21.80 17.44 26.43
N GLY A 220 -21.09 16.32 26.33
CA GLY A 220 -21.29 15.38 25.23
C GLY A 220 -21.03 15.93 23.85
N THR A 221 -20.05 16.81 23.71
CA THR A 221 -19.70 17.37 22.41
C THR A 221 -18.19 17.35 22.25
N VAL A 222 -17.73 17.00 21.05
CA VAL A 222 -16.31 17.11 20.75
C VAL A 222 -15.93 18.58 20.63
N PRO A 223 -14.86 19.02 21.29
CA PRO A 223 -14.50 20.45 21.22
C PRO A 223 -14.21 20.89 19.79
N ASP A 224 -14.61 22.12 19.49
CA ASP A 224 -14.44 22.70 18.17
C ASP A 224 -13.68 24.01 18.31
N PRO A 225 -12.56 24.18 17.60
CA PRO A 225 -11.77 25.41 17.76
C PRO A 225 -12.50 26.67 17.35
N ASN A 226 -13.48 26.58 16.46
CA ASN A 226 -14.13 27.78 15.94
C ASN A 226 -14.86 28.54 17.05
N GLN A 227 -15.55 27.83 17.94
CA GLN A 227 -16.27 28.49 19.01
C GLN A 227 -15.31 28.99 20.08
N ALA A 228 -15.78 29.95 20.87
CA ALA A 228 -15.00 30.48 21.97
C ALA A 228 -15.06 29.53 23.16
N ASN A 229 -14.60 29.99 24.33
CA ASN A 229 -14.48 29.13 25.51
C ASN A 229 -13.63 27.92 25.18
N ASP A 230 -14.22 26.73 25.29
CA ASP A 230 -13.53 25.47 25.02
C ASP A 230 -12.19 25.42 25.73
N VAL A 231 -11.10 25.41 24.94
CA VAL A 231 -9.68 25.65 25.23
C VAL A 231 -8.91 24.34 25.10
N VAL A 232 -7.65 24.45 24.69
CA VAL A 232 -6.68 23.35 24.80
C VAL A 232 -5.89 23.57 26.08
N PHE A 233 -5.79 22.52 26.91
CA PHE A 233 -5.24 22.70 28.24
C PHE A 233 -4.11 21.75 28.61
N MET A 234 -3.68 20.86 27.72
CA MET A 234 -2.45 20.13 28.01
C MET A 234 -1.77 19.69 26.73
N ILE A 235 -0.44 19.84 26.68
CA ILE A 235 0.37 19.31 25.60
C ILE A 235 1.57 18.57 26.19
N CYS A 236 1.76 17.31 25.79
CA CYS A 236 2.88 16.52 26.28
C CYS A 236 3.68 15.96 25.11
N MET A 237 5.00 16.03 25.24
CA MET A 237 5.91 15.67 24.16
C MET A 237 7.08 14.86 24.72
N ARG A 238 7.69 14.06 23.84
CA ARG A 238 8.80 13.20 24.24
C ARG A 238 9.70 12.95 23.04
N ILE A 239 11.01 12.88 23.28
CA ILE A 239 11.97 12.71 22.19
C ILE A 239 12.61 11.33 22.25
N PHE A 240 13.01 10.83 21.08
CA PHE A 240 13.66 9.54 20.95
C PHE A 240 14.67 9.59 19.81
N TRP A 241 15.57 8.60 19.81
CA TRP A 241 16.36 8.30 18.62
C TRP A 241 15.43 7.79 17.50
N ILE A 242 16.02 7.53 16.34
CA ILE A 242 15.22 7.05 15.22
C ILE A 242 15.06 5.53 15.23
N HIS A 243 15.89 4.82 15.98
CA HIS A 243 15.85 3.36 16.01
C HIS A 243 15.72 2.81 17.43
N SER A 244 15.35 3.63 18.40
CA SER A 244 15.28 3.21 19.78
C SER A 244 13.95 3.63 20.39
N THR A 245 13.57 2.92 21.46
CA THR A 245 12.35 3.20 22.19
C THR A 245 12.60 3.96 23.48
N GLU A 246 13.75 3.77 24.11
CA GLU A 246 14.06 4.47 25.35
C GLU A 246 14.12 5.98 25.10
N PRO A 247 13.54 6.78 25.97
CA PRO A 247 13.47 8.22 25.72
C PRO A 247 14.75 8.94 26.13
N LEU A 248 14.87 10.17 25.65
CA LEU A 248 15.93 11.09 26.05
C LEU A 248 15.43 12.23 26.91
N ALA A 249 14.23 12.76 26.62
CA ALA A 249 13.62 13.79 27.44
C ALA A 249 12.12 13.81 27.18
N SER A 250 11.38 14.34 28.16
CA SER A 250 9.93 14.39 28.10
C SER A 250 9.45 15.63 28.84
N THR A 251 8.44 16.30 28.28
CA THR A 251 7.96 17.56 28.81
C THR A 251 6.43 17.59 28.79
N CYS A 252 5.85 18.16 29.85
CA CYS A 252 4.42 18.35 29.98
C CYS A 252 4.12 19.81 30.25
N ILE A 253 3.23 20.39 29.44
CA ILE A 253 2.80 21.78 29.60
C ILE A 253 1.30 21.78 29.86
N THR A 254 0.89 22.40 30.97
CA THR A 254 -0.49 22.31 31.43
C THR A 254 -0.89 23.64 32.07
N MET A 255 -2.14 23.70 32.52
CA MET A 255 -2.69 24.87 33.20
C MET A 255 -3.02 24.58 34.65
N ALA A 256 -3.79 23.54 34.92
CA ALA A 256 -4.14 23.20 36.29
C ALA A 256 -2.91 22.68 37.03
N PRO A 257 -2.82 22.95 38.34
CA PRO A 257 -1.66 22.47 39.10
C PRO A 257 -1.61 20.95 39.15
N CYS A 258 -0.38 20.43 39.21
CA CYS A 258 -0.16 18.99 39.25
C CYS A 258 1.06 18.69 40.12
N LYS A 259 1.09 17.48 40.66
CA LYS A 259 2.21 17.05 41.49
C LYS A 259 3.45 16.83 40.64
N LYS A 260 4.60 17.15 41.20
CA LYS A 260 5.87 16.95 40.50
C LYS A 260 6.16 15.47 40.34
N SER A 261 6.67 15.10 39.18
CA SER A 261 7.02 13.72 38.87
C SER A 261 8.48 13.65 38.45
N SER A 262 9.13 12.55 38.82
CA SER A 262 10.55 12.38 38.51
C SER A 262 10.80 12.09 37.03
N GLU A 263 9.79 11.57 36.32
CA GLU A 263 10.01 11.14 34.94
C GLU A 263 10.06 12.31 33.98
N TRP A 264 9.25 13.34 34.18
CA TRP A 264 9.14 14.43 33.22
C TRP A 264 9.22 15.78 33.94
N THR A 265 9.44 16.82 33.14
CA THR A 265 9.50 18.19 33.62
C THR A 265 8.19 18.90 33.33
N THR A 266 7.70 19.66 34.32
CA THR A 266 6.41 20.32 34.24
C THR A 266 6.59 21.83 34.13
N ILE A 267 5.84 22.44 33.22
CA ILE A 267 5.82 23.89 33.04
C ILE A 267 4.40 24.36 33.30
N LEU A 268 4.25 25.32 34.22
CA LEU A 268 2.94 25.81 34.63
C LEU A 268 2.69 27.17 33.97
N CYS A 269 1.57 27.28 33.27
CA CYS A 269 1.17 28.53 32.64
C CYS A 269 -0.04 29.10 33.38
N SER A 270 -0.52 30.26 32.90
CA SER A 270 -1.66 30.94 33.50
C SER A 270 -2.56 31.48 32.41
N SER A 271 -2.28 31.11 31.16
CA SER A 271 -3.09 31.57 30.02
C SER A 271 -2.92 30.66 28.82
N GLU A 272 -3.84 30.74 27.87
CA GLU A 272 -3.76 29.94 26.66
C GLU A 272 -2.63 30.39 25.74
N LYS A 273 -2.36 31.69 25.67
CA LYS A 273 -1.23 32.17 24.89
C LYS A 273 0.09 31.65 25.45
N ASN A 274 0.22 31.60 26.78
CA ASN A 274 1.45 31.14 27.40
C ASN A 274 1.75 29.69 27.04
N LEU A 275 0.71 28.85 26.99
CA LEU A 275 0.91 27.44 26.66
C LEU A 275 1.49 27.28 25.26
N LEU A 276 0.93 27.97 24.27
CA LEU A 276 1.43 27.87 22.92
C LEU A 276 2.84 28.44 22.81
N LEU A 277 3.11 29.56 23.51
CA LEU A 277 4.44 30.14 23.47
C LEU A 277 5.48 29.18 24.05
N SER A 278 5.15 28.53 25.17
CA SER A 278 6.07 27.58 25.77
C SER A 278 6.28 26.36 24.87
N PHE A 279 5.20 25.90 24.23
CA PHE A 279 5.33 24.80 23.26
C PHE A 279 6.31 25.16 22.15
N ALA A 280 6.16 26.36 21.59
CA ALA A 280 7.06 26.81 20.53
C ALA A 280 8.50 26.92 21.04
N GLU A 281 8.69 27.44 22.24
CA GLU A 281 10.04 27.59 22.78
C GLU A 281 10.72 26.24 22.96
N GLN A 282 10.00 25.27 23.52
CA GLN A 282 10.59 23.95 23.73
C GLN A 282 10.88 23.26 22.40
N PHE A 283 9.98 23.42 21.42
CA PHE A 283 10.24 22.88 20.09
C PHE A 283 11.49 23.49 19.49
N SER A 284 11.67 24.81 19.65
CA SER A 284 12.86 25.46 19.12
C SER A 284 14.13 24.97 19.80
N ARG A 285 14.08 24.78 21.12
CA ARG A 285 15.28 24.32 21.82
C ARG A 285 15.65 22.90 21.43
N TRP A 286 14.67 22.01 21.30
CA TRP A 286 14.99 20.62 20.98
C TRP A 286 15.37 20.42 19.50
N ALA A 287 14.74 21.16 18.60
CA ALA A 287 14.88 20.99 17.16
C ALA A 287 14.67 19.55 16.72
N PRO A 288 13.46 19.00 16.78
CA PRO A 288 13.22 17.67 16.26
C PRO A 288 13.59 17.56 14.78
N ASP A 289 14.04 16.36 14.39
CA ASP A 289 14.18 16.05 12.97
C ASP A 289 12.92 15.46 12.39
N ILE A 290 12.11 14.76 13.19
CA ILE A 290 10.80 14.27 12.74
C ILE A 290 9.78 14.56 13.84
N CYS A 291 8.57 14.93 13.44
CA CYS A 291 7.48 15.23 14.37
C CYS A 291 6.31 14.28 14.12
N THR A 292 5.86 13.60 15.18
CA THR A 292 4.86 12.55 15.05
C THR A 292 3.77 12.69 16.11
N GLY A 293 2.59 12.19 15.73
CA GLY A 293 1.46 12.09 16.64
C GLY A 293 0.36 11.30 15.98
N PHE A 294 -0.47 10.67 16.82
CA PHE A 294 -1.54 9.82 16.33
C PHE A 294 -2.78 10.65 16.03
N ASN A 295 -3.28 10.53 14.80
CA ASN A 295 -4.47 11.25 14.34
C ASN A 295 -4.30 12.76 14.48
N ASP A 296 -3.07 13.24 14.43
CA ASP A 296 -2.80 14.67 14.58
C ASP A 296 -3.17 15.47 13.34
N SER A 297 -3.39 14.81 12.20
CA SER A 297 -3.62 15.55 10.96
C SER A 297 -5.10 15.85 10.77
N ARG A 298 -5.94 15.42 11.70
CA ARG A 298 -7.37 15.69 11.60
C ARG A 298 -7.95 16.38 12.82
N TYR A 299 -7.24 16.39 13.96
CA TYR A 299 -7.79 17.02 15.15
C TYR A 299 -6.84 18.01 15.81
N ASP A 300 -5.54 17.72 15.79
CA ASP A 300 -4.59 18.45 16.63
C ASP A 300 -4.05 19.71 15.94
N TRP A 301 -3.41 19.55 14.78
CA TRP A 301 -2.79 20.70 14.12
C TRP A 301 -3.80 21.79 13.75
N PRO A 302 -4.95 21.50 13.13
CA PRO A 302 -5.91 22.58 12.87
C PRO A 302 -6.38 23.27 14.13
N PHE A 303 -6.52 22.54 15.24
CA PHE A 303 -6.91 23.16 16.50
C PHE A 303 -5.91 24.23 16.92
N ILE A 304 -4.63 23.88 16.92
CA ILE A 304 -3.59 24.81 17.35
C ILE A 304 -3.50 25.99 16.39
N VAL A 305 -3.58 25.73 15.08
CA VAL A 305 -3.48 26.82 14.11
C VAL A 305 -4.64 27.78 14.25
N GLU A 306 -5.87 27.26 14.40
CA GLU A 306 -7.03 28.13 14.54
C GLU A 306 -6.96 28.94 15.83
N LYS A 307 -6.56 28.30 16.94
CA LYS A 307 -6.45 29.04 18.19
C LYS A 307 -5.38 30.13 18.09
N SER A 308 -4.27 29.83 17.41
CA SER A 308 -3.21 30.82 17.24
C SER A 308 -3.69 32.01 16.41
N MET A 309 -4.42 31.75 15.32
CA MET A 309 -4.95 32.84 14.54
C MET A 309 -5.97 33.65 15.33
N GLN A 310 -6.77 32.98 16.17
CA GLN A 310 -7.71 33.69 17.02
C GLN A 310 -6.98 34.61 18.00
N HIS A 311 -5.88 34.14 18.57
CA HIS A 311 -5.05 34.97 19.43
C HIS A 311 -4.04 35.82 18.67
N GLY A 312 -3.89 35.58 17.37
CA GLY A 312 -2.99 36.37 16.54
C GLY A 312 -1.51 36.24 16.85
N ILE A 313 -1.04 35.02 17.08
CA ILE A 313 0.37 34.79 17.38
C ILE A 313 0.95 33.71 16.47
N LEU A 314 0.39 33.58 15.27
CA LEU A 314 0.90 32.57 14.34
C LEU A 314 2.30 32.91 13.85
N GLU A 315 2.57 34.19 13.61
CA GLU A 315 3.87 34.60 13.09
C GLU A 315 5.00 34.22 14.05
N GLU A 316 4.82 34.51 15.35
CA GLU A 316 5.87 34.24 16.31
C GLU A 316 6.13 32.73 16.42
N ILE A 317 5.07 31.93 16.49
CA ILE A 317 5.24 30.49 16.63
C ILE A 317 5.95 29.93 15.40
N PHE A 318 5.50 30.31 14.20
CA PHE A 318 6.10 29.79 12.99
C PHE A 318 7.56 30.20 12.87
N ASN A 319 7.87 31.46 13.18
CA ASN A 319 9.23 31.93 13.01
C ASN A 319 10.17 31.37 14.08
N LYS A 320 9.65 31.05 15.26
CA LYS A 320 10.49 30.42 16.27
C LYS A 320 10.71 28.94 15.98
N MET A 321 9.73 28.26 15.39
CA MET A 321 9.90 26.85 15.05
C MET A 321 10.75 26.65 13.81
N SER A 322 10.67 27.54 12.84
CA SER A 322 11.32 27.34 11.56
C SER A 322 12.80 27.72 11.61
N LEU A 323 13.60 26.99 10.83
CA LEU A 323 15.01 27.30 10.65
C LEU A 323 15.26 28.17 9.42
N PHE A 324 14.23 28.41 8.62
CA PHE A 324 14.31 29.24 7.43
C PHE A 324 14.22 30.71 7.87
N TRP A 325 14.30 31.65 6.94
CA TRP A 325 14.32 33.03 7.37
C TRP A 325 12.89 33.56 7.57
N HIS A 326 12.78 34.84 7.85
CA HIS A 326 11.51 35.43 8.30
C HIS A 326 10.46 35.37 7.20
N GLN A 327 9.22 35.08 7.60
CA GLN A 327 8.09 35.02 6.69
C GLN A 327 6.90 35.73 7.31
N LYS A 328 6.03 36.26 6.44
CA LYS A 328 4.85 36.99 6.88
C LYS A 328 3.67 36.05 7.07
N LEU A 329 2.56 36.59 7.58
CA LEU A 329 1.40 35.76 7.89
C LEU A 329 0.72 35.25 6.63
N ASP A 330 0.55 36.11 5.62
CA ASP A 330 -0.15 35.70 4.40
C ASP A 330 0.61 34.60 3.67
N THR A 331 1.94 34.71 3.61
CA THR A 331 2.74 33.67 2.98
C THR A 331 2.63 32.36 3.76
N ILE A 332 2.59 32.45 5.09
CA ILE A 332 2.42 31.24 5.91
C ILE A 332 1.10 30.57 5.59
N LEU A 333 0.03 31.35 5.49
CA LEU A 333 -1.28 30.78 5.22
C LEU A 333 -1.35 30.18 3.82
N LYS A 334 -0.76 30.85 2.83
CA LYS A 334 -0.87 30.39 1.45
C LYS A 334 0.03 29.20 1.15
N CYS A 335 1.21 29.11 1.75
CA CYS A 335 2.22 28.14 1.34
C CYS A 335 2.50 27.07 2.39
N TYR A 336 2.78 27.46 3.62
CA TYR A 336 3.27 26.52 4.63
C TYR A 336 2.17 25.88 5.46
N TYR A 337 0.91 26.13 5.14
CA TYR A 337 -0.22 25.48 5.81
C TYR A 337 -1.01 24.69 4.78
N VAL A 338 -0.91 23.37 4.86
CA VAL A 338 -1.54 22.49 3.88
C VAL A 338 -2.92 22.08 4.40
N LYS A 339 -3.94 22.26 3.55
CA LYS A 339 -5.32 21.94 3.91
C LYS A 339 -5.88 20.95 2.90
N GLU A 340 -6.48 19.88 3.41
CA GLU A 340 -7.22 18.90 2.59
C GLU A 340 -6.32 18.29 1.51
N LYS A 341 -5.31 17.55 1.96
CA LYS A 341 -4.42 16.82 1.08
C LYS A 341 -4.89 15.37 1.00
N ARG A 342 -4.93 14.83 -0.21
CA ARG A 342 -5.46 13.48 -0.44
C ARG A 342 -4.34 12.46 -0.39
N VAL A 343 -4.53 11.42 0.42
CA VAL A 343 -3.56 10.34 0.55
C VAL A 343 -4.26 9.03 0.17
N LYS A 344 -3.63 8.26 -0.72
CA LYS A 344 -4.19 7.03 -1.23
C LYS A 344 -3.80 5.85 -0.34
N ILE A 345 -4.77 4.97 -0.08
CA ILE A 345 -4.57 3.79 0.73
C ILE A 345 -4.79 2.51 -0.08
N SER A 346 -5.96 2.39 -0.71
CA SER A 346 -6.27 1.28 -1.59
C SER A 346 -6.78 1.81 -2.92
N ALA A 347 -7.20 0.90 -3.80
CA ALA A 347 -7.66 1.30 -5.12
C ALA A 347 -8.97 2.06 -5.08
N GLU A 348 -9.72 1.99 -3.97
CA GLU A 348 -11.01 2.65 -3.86
C GLU A 348 -11.17 3.36 -2.52
N LYS A 349 -10.06 3.83 -1.94
CA LYS A 349 -10.11 4.54 -0.68
C LYS A 349 -9.10 5.69 -0.71
N SER A 350 -9.41 6.74 0.04
CA SER A 350 -8.51 7.88 0.20
C SER A 350 -8.84 8.56 1.51
N ILE A 351 -7.86 9.29 2.04
CA ILE A 351 -8.02 10.03 3.29
C ILE A 351 -7.55 11.46 3.10
N ILE A 352 -7.98 12.32 4.02
CA ILE A 352 -7.70 13.76 3.97
C ILE A 352 -6.81 14.11 5.14
N SER A 353 -5.73 14.85 4.86
CA SER A 353 -4.74 15.22 5.87
C SER A 353 -4.45 16.72 5.80
N SER A 354 -4.22 17.32 6.97
CA SER A 354 -3.87 18.73 7.05
C SER A 354 -2.90 18.93 8.22
N PHE A 355 -1.88 19.75 8.01
CA PHE A 355 -0.82 19.92 9.00
C PHE A 355 -0.12 21.25 8.74
N LEU A 356 0.86 21.55 9.58
CA LEU A 356 1.72 22.72 9.45
C LEU A 356 3.15 22.27 9.18
N HIS A 357 3.75 22.81 8.12
CA HIS A 357 5.07 22.38 7.66
C HIS A 357 6.09 23.47 7.97
N THR A 358 6.83 23.27 9.06
CA THR A 358 7.93 24.16 9.42
C THR A 358 9.24 23.62 8.87
N PRO A 359 10.00 24.41 8.12
CA PRO A 359 11.26 23.92 7.57
C PRO A 359 12.20 23.45 8.67
N GLY A 360 12.88 22.34 8.41
CA GLY A 360 13.73 21.70 9.40
C GLY A 360 13.10 20.54 10.13
N CYS A 361 11.85 20.19 9.82
CA CYS A 361 11.16 19.09 10.49
C CYS A 361 10.17 18.47 9.53
N LEU A 362 10.02 17.15 9.60
CA LEU A 362 9.10 16.41 8.74
C LEU A 362 7.96 15.88 9.57
N PRO A 363 6.71 16.20 9.25
CA PRO A 363 5.58 15.66 10.02
C PRO A 363 5.08 14.33 9.48
N ILE A 364 4.87 13.35 10.37
CA ILE A 364 4.43 12.02 9.99
C ILE A 364 3.27 11.62 10.88
N ASP A 365 2.21 11.07 10.28
CA ASP A 365 1.06 10.57 11.01
C ASP A 365 1.12 9.05 11.08
N VAL A 366 1.04 8.50 12.29
CA VAL A 366 1.15 7.06 12.47
C VAL A 366 -0.07 6.35 11.90
N ARG A 367 -1.25 6.96 11.99
CA ARG A 367 -2.46 6.29 11.53
C ARG A 367 -2.41 6.02 10.03
N ASN A 368 -1.88 6.98 9.25
CA ASN A 368 -1.76 6.76 7.81
C ASN A 368 -0.86 5.57 7.51
N MET A 369 0.29 5.48 8.20
CA MET A 369 1.20 4.38 7.99
C MET A 369 0.57 3.05 8.36
N CYS A 370 -0.15 3.02 9.48
CA CYS A 370 -0.80 1.79 9.92
C CYS A 370 -1.89 1.36 8.93
N MET A 371 -2.66 2.32 8.41
CA MET A 371 -3.67 1.98 7.42
C MET A 371 -3.03 1.46 6.13
N GLN A 372 -1.93 2.07 5.70
CA GLN A 372 -1.25 1.61 4.50
C GLN A 372 -0.66 0.22 4.68
N LEU A 373 -0.25 -0.13 5.91
CA LEU A 373 0.28 -1.47 6.15
C LEU A 373 -0.83 -2.52 6.13
N TYR A 374 -2.01 -2.19 6.66
CA TYR A 374 -3.13 -3.12 6.74
C TYR A 374 -4.36 -2.47 6.11
N PRO A 375 -4.49 -2.56 4.79
CA PRO A 375 -5.59 -1.86 4.11
C PRO A 375 -6.94 -2.54 4.22
N LYS A 376 -7.02 -3.75 4.78
CA LYS A 376 -8.27 -4.50 4.87
C LYS A 376 -8.68 -4.73 6.32
N ALA A 377 -8.56 -3.70 7.14
CA ALA A 377 -8.91 -3.77 8.56
C ALA A 377 -10.17 -2.97 8.82
N GLU A 378 -11.17 -3.61 9.43
CA GLU A 378 -12.42 -2.92 9.73
C GLU A 378 -12.26 -1.95 10.88
N LYS A 379 -11.50 -2.32 11.89
CA LYS A 379 -11.25 -1.46 13.05
C LYS A 379 -9.98 -0.66 12.83
N THR A 380 -10.07 0.65 13.01
CA THR A 380 -8.99 1.57 12.68
C THR A 380 -8.75 2.54 13.84
N SER A 381 -8.67 1.98 15.04
CA SER A 381 -8.37 2.75 16.24
C SER A 381 -6.99 2.35 16.78
N LEU A 382 -6.55 3.08 17.79
CA LEU A 382 -5.24 2.80 18.38
C LEU A 382 -5.23 1.43 19.06
N LYS A 383 -6.32 1.08 19.75
CA LYS A 383 -6.37 -0.20 20.44
C LYS A 383 -6.27 -1.38 19.46
N ALA A 384 -6.97 -1.29 18.34
CA ALA A 384 -6.98 -2.39 17.38
C ALA A 384 -5.59 -2.59 16.76
N PHE A 385 -4.99 -1.51 16.25
CA PHE A 385 -3.66 -1.62 15.66
C PHE A 385 -2.62 -2.00 16.70
N LEU A 386 -2.85 -1.62 17.96
CA LEU A 386 -1.90 -1.92 19.02
C LEU A 386 -1.97 -3.37 19.47
N GLU A 387 -3.16 -3.97 19.46
CA GLU A 387 -3.31 -5.37 19.83
C GLU A 387 -3.10 -6.32 18.66
N ASN A 388 -3.17 -5.83 17.42
CA ASN A 388 -2.88 -6.68 16.27
C ASN A 388 -1.43 -7.12 16.27
N CYS A 389 -0.51 -6.19 16.54
CA CYS A 389 0.92 -6.48 16.46
C CYS A 389 1.46 -7.23 17.68
N GLY A 390 0.68 -7.35 18.74
CA GLY A 390 1.11 -8.06 19.93
C GLY A 390 1.55 -7.20 21.09
N LEU A 391 1.28 -5.90 21.07
CA LEU A 391 1.68 -5.00 22.14
C LEU A 391 0.55 -4.86 23.16
N ASP A 392 0.89 -4.25 24.30
CA ASP A 392 -0.05 -4.13 25.40
C ASP A 392 -1.08 -3.04 25.12
N SER A 393 -2.35 -3.41 25.17
CA SER A 393 -3.45 -2.49 24.89
C SER A 393 -3.96 -1.86 26.19
N LYS A 394 -5.14 -1.23 26.12
CA LYS A 394 -5.80 -0.61 27.26
C LYS A 394 -4.97 0.53 27.84
N VAL A 395 -4.74 1.55 27.01
CA VAL A 395 -4.02 2.73 27.42
C VAL A 395 -4.88 3.97 27.19
N ASP A 396 -6.20 3.80 27.31
CA ASP A 396 -7.15 4.87 27.07
C ASP A 396 -7.86 5.27 28.36
N LEU A 397 -8.44 6.47 28.34
CA LEU A 397 -9.16 7.03 29.48
C LEU A 397 -10.50 7.59 29.02
N PRO A 398 -11.56 7.40 29.80
CA PRO A 398 -12.86 7.97 29.42
C PRO A 398 -12.85 9.49 29.42
N TYR A 399 -13.68 10.07 28.56
CA TYR A 399 -13.72 11.52 28.43
C TYR A 399 -14.48 12.16 29.59
N HIS A 400 -15.54 11.52 30.07
CA HIS A 400 -16.31 12.07 31.17
C HIS A 400 -15.48 12.14 32.45
N LEU A 401 -14.64 11.14 32.68
CA LEU A 401 -13.73 11.19 33.83
C LEU A 401 -12.76 12.35 33.72
N MET A 402 -12.26 12.60 32.51
CA MET A 402 -11.39 13.76 32.30
C MET A 402 -12.13 15.06 32.56
N TRP A 403 -13.39 15.16 32.12
CA TRP A 403 -14.18 16.35 32.38
C TRP A 403 -14.35 16.57 33.88
N LYS A 404 -14.68 15.51 34.60
CA LYS A 404 -14.86 15.62 36.05
C LYS A 404 -13.55 16.02 36.73
N TYR A 405 -12.43 15.44 36.30
CA TYR A 405 -11.15 15.76 36.89
C TYR A 405 -10.77 17.21 36.66
N TYR A 406 -11.03 17.73 35.45
CA TYR A 406 -10.76 19.13 35.18
C TYR A 406 -11.70 20.04 35.96
N GLU A 407 -12.95 19.62 36.18
CA GLU A 407 -13.86 20.39 37.00
C GLU A 407 -13.39 20.46 38.45
N THR A 408 -12.89 19.34 38.98
CA THR A 408 -12.47 19.32 40.39
C THR A 408 -11.22 20.15 40.62
N ARG A 409 -10.32 20.21 39.64
CA ARG A 409 -9.06 20.97 39.73
C ARG A 409 -8.20 20.47 40.90
N ASP A 410 -7.84 19.20 40.81
CA ASP A 410 -6.98 18.55 41.80
C ASP A 410 -5.67 18.14 41.14
N SER A 411 -4.58 18.25 41.90
CA SER A 411 -3.25 17.98 41.35
C SER A 411 -3.09 16.52 40.96
N GLU A 412 -3.61 15.60 41.77
CA GLU A 412 -3.44 14.18 41.50
C GLU A 412 -4.15 13.77 40.20
N LYS A 413 -5.33 14.33 39.95
CA LYS A 413 -6.05 14.01 38.72
C LYS A 413 -5.28 14.52 37.50
N ILE A 414 -4.70 15.71 37.60
CA ILE A 414 -3.90 16.23 36.50
C ILE A 414 -2.66 15.37 36.29
N ALA A 415 -2.07 14.88 37.38
CA ALA A 415 -0.94 13.97 37.24
C ALA A 415 -1.34 12.68 36.53
N ASP A 416 -2.53 12.15 36.85
CA ASP A 416 -3.00 10.94 36.20
C ASP A 416 -3.24 11.17 34.71
N VAL A 417 -3.88 12.28 34.35
CA VAL A 417 -4.11 12.54 32.92
C VAL A 417 -2.79 12.79 32.21
N ALA A 418 -1.82 13.40 32.89
CA ALA A 418 -0.49 13.56 32.31
C ALA A 418 0.17 12.22 32.04
N TYR A 419 0.04 11.29 32.99
CA TYR A 419 0.57 9.95 32.79
C TYR A 419 -0.05 9.28 31.58
N TYR A 420 -1.37 9.39 31.46
CA TYR A 420 -2.06 8.73 30.34
C TYR A 420 -1.65 9.33 29.01
N CYS A 421 -1.53 10.65 28.92
CA CYS A 421 -1.14 11.24 27.64
C CYS A 421 0.34 10.99 27.33
N ILE A 422 1.19 10.87 28.34
CA ILE A 422 2.57 10.47 28.09
C ILE A 422 2.63 9.06 27.51
N ILE A 423 1.82 8.15 28.06
CA ILE A 423 1.78 6.79 27.53
C ILE A 423 1.27 6.80 26.09
N ASP A 424 0.27 7.64 25.81
CA ASP A 424 -0.24 7.77 24.45
C ASP A 424 0.83 8.26 23.50
N ALA A 425 1.66 9.21 23.95
CA ALA A 425 2.77 9.67 23.12
C ALA A 425 3.79 8.56 22.88
N GLN A 426 4.05 7.74 23.91
CA GLN A 426 5.02 6.66 23.77
C GLN A 426 4.55 5.60 22.77
N ARG A 427 3.25 5.34 22.73
CA ARG A 427 2.73 4.24 21.91
C ARG A 427 3.02 4.46 20.42
N CYS A 428 3.03 5.71 19.97
CA CYS A 428 3.33 5.99 18.56
C CYS A 428 4.73 5.53 18.20
N GLN A 429 5.71 5.87 19.05
CA GLN A 429 7.07 5.42 18.82
C GLN A 429 7.17 3.91 18.92
N ASP A 430 6.43 3.32 19.86
CA ASP A 430 6.41 1.86 19.97
C ASP A 430 6.00 1.22 18.64
N LEU A 431 4.91 1.71 18.06
CA LEU A 431 4.44 1.17 16.78
C LEU A 431 5.45 1.40 15.67
N LEU A 432 6.02 2.61 15.60
CA LEU A 432 6.95 2.92 14.52
C LEU A 432 8.20 2.04 14.59
N VAL A 433 8.72 1.79 15.79
CA VAL A 433 9.89 0.93 15.93
C VAL A 433 9.51 -0.52 15.64
N ARG A 434 8.35 -0.96 16.13
CA ARG A 434 7.97 -2.37 15.94
C ARG A 434 7.78 -2.71 14.48
N HIS A 435 7.15 -1.83 13.71
CA HIS A 435 6.90 -2.13 12.30
C HIS A 435 8.05 -1.77 11.39
N ASN A 436 9.08 -1.08 11.89
CA ASN A 436 10.27 -0.75 11.12
C ASN A 436 9.90 0.00 9.84
N VAL A 437 9.34 1.19 10.03
CA VAL A 437 8.73 1.94 8.94
C VAL A 437 9.75 2.82 8.22
N ILE A 438 10.51 3.63 8.96
CA ILE A 438 11.37 4.62 8.32
C ILE A 438 12.45 3.99 7.45
N PRO A 439 13.20 2.97 7.91
CA PRO A 439 14.21 2.37 7.01
C PRO A 439 13.64 1.76 5.75
N ASP A 440 12.41 1.22 5.78
CA ASP A 440 11.82 0.68 4.56
C ASP A 440 11.57 1.76 3.53
N ARG A 441 10.97 2.88 3.96
CA ARG A 441 10.79 4.01 3.06
C ARG A 441 12.12 4.56 2.60
N ARG A 442 13.14 4.49 3.47
CA ARG A 442 14.48 4.93 3.09
C ARG A 442 15.02 4.10 1.94
N GLU A 443 14.85 2.78 2.03
CA GLU A 443 15.29 1.89 0.94
C GLU A 443 14.51 2.15 -0.33
N VAL A 444 13.20 2.39 -0.21
CA VAL A 444 12.39 2.70 -1.38
C VAL A 444 12.89 3.96 -2.06
N GLY A 445 13.18 5.00 -1.27
CA GLY A 445 13.70 6.23 -1.84
C GLY A 445 15.06 6.05 -2.48
N ILE A 446 15.92 5.24 -1.86
CA ILE A 446 17.23 4.95 -2.46
C ILE A 446 17.06 4.25 -3.79
N LEU A 447 16.14 3.30 -3.86
CA LEU A 447 15.93 2.54 -5.09
C LEU A 447 15.29 3.38 -6.18
N SER A 448 14.47 4.36 -5.82
CA SER A 448 13.71 5.14 -6.79
C SER A 448 14.23 6.55 -6.99
N TYR A 449 15.29 6.97 -6.29
CA TYR A 449 15.85 8.31 -6.39
C TYR A 449 14.79 9.38 -6.08
N THR A 450 14.28 9.34 -4.85
CA THR A 450 13.21 10.23 -4.44
C THR A 450 13.34 10.51 -2.95
N SER A 451 12.81 11.66 -2.52
CA SER A 451 12.93 12.09 -1.14
C SER A 451 11.95 11.32 -0.26
N LEU A 452 12.13 11.46 1.06
CA LEU A 452 11.32 10.73 2.03
C LEU A 452 9.92 11.30 2.16
N TYR A 453 9.76 12.61 1.96
CA TYR A 453 8.44 13.22 1.97
C TYR A 453 7.54 12.58 0.92
N ASP A 454 8.08 12.36 -0.28
CA ASP A 454 7.31 11.67 -1.31
C ASP A 454 7.06 10.22 -0.92
N CYS A 455 8.03 9.57 -0.29
CA CYS A 455 7.86 8.19 0.13
C CYS A 455 6.77 8.04 1.18
N ILE A 456 6.45 9.12 1.89
CA ILE A 456 5.39 9.09 2.89
C ILE A 456 4.04 9.54 2.33
N TYR A 457 4.04 10.56 1.48
CA TYR A 457 2.79 11.22 1.08
C TYR A 457 2.45 11.00 -0.40
N TYR A 458 2.89 9.90 -1.01
CA TYR A 458 2.62 9.69 -2.42
C TYR A 458 2.58 8.20 -2.75
N ALA A 459 2.04 7.90 -3.94
CA ALA A 459 1.88 6.54 -4.42
C ALA A 459 3.11 6.12 -5.24
N GLY A 460 3.00 5.01 -5.97
CA GLY A 460 4.15 4.41 -6.60
C GLY A 460 4.36 4.63 -8.09
N GLY A 461 3.41 5.26 -8.77
CA GLY A 461 3.56 5.46 -10.21
C GLY A 461 4.72 6.38 -10.56
N HIS A 462 4.81 7.51 -9.87
CA HIS A 462 5.90 8.45 -10.15
C HIS A 462 7.25 7.86 -9.80
N LYS A 463 7.30 6.99 -8.78
CA LYS A 463 8.54 6.28 -8.46
C LYS A 463 8.97 5.42 -9.64
N VAL A 464 8.02 4.72 -10.25
CA VAL A 464 8.33 3.88 -11.41
C VAL A 464 8.85 4.75 -12.54
N CYS A 465 8.17 5.87 -12.82
CA CYS A 465 8.62 6.73 -13.92
C CYS A 465 10.02 7.28 -13.67
N ASN A 466 10.30 7.71 -12.44
CA ASN A 466 11.61 8.23 -12.10
C ASN A 466 12.69 7.16 -12.25
N MET A 467 12.39 5.93 -11.81
CA MET A 467 13.38 4.86 -11.93
C MET A 467 13.67 4.52 -13.39
N LEU A 468 12.63 4.47 -14.22
CA LEU A 468 12.83 4.25 -15.64
C LEU A 468 13.71 5.34 -16.25
N ILE A 469 13.43 6.61 -15.94
CA ILE A 469 14.23 7.69 -16.51
C ILE A 469 15.67 7.62 -16.02
N ALA A 470 15.86 7.31 -14.73
CA ALA A 470 17.21 7.24 -14.18
C ALA A 470 18.02 6.13 -14.85
N TYR A 471 17.41 4.97 -15.06
CA TYR A 471 18.12 3.91 -15.77
C TYR A 471 18.37 4.26 -17.22
N ALA A 472 17.44 4.97 -17.85
CA ALA A 472 17.60 5.32 -19.27
C ALA A 472 18.76 6.29 -19.48
N ILE A 473 18.89 7.29 -18.60
CA ILE A 473 19.92 8.31 -18.84
C ILE A 473 21.32 7.84 -18.53
N HIS A 474 21.49 6.65 -17.95
CA HIS A 474 22.81 6.13 -17.57
C HIS A 474 23.14 4.85 -18.31
N ASP A 475 22.63 4.68 -19.52
CA ASP A 475 22.87 3.45 -20.27
C ASP A 475 24.33 3.35 -20.71
N GLU A 476 24.79 2.12 -20.89
CA GLU A 476 26.17 1.88 -21.26
C GLU A 476 26.45 2.21 -22.72
N TYR A 477 25.45 2.08 -23.60
CA TYR A 477 25.63 2.26 -25.03
C TYR A 477 25.12 3.61 -25.52
N GLY A 478 24.81 4.52 -24.61
CA GLY A 478 24.28 5.82 -24.99
C GLY A 478 23.51 6.43 -23.83
N ARG A 479 22.74 7.46 -24.15
CA ARG A 479 21.87 8.08 -23.16
C ARG A 479 20.50 8.28 -23.80
N ILE A 480 19.47 7.77 -23.14
CA ILE A 480 18.12 7.75 -23.69
C ILE A 480 17.32 8.90 -23.10
N ALA A 481 16.62 9.63 -23.96
CA ALA A 481 15.80 10.76 -23.54
C ALA A 481 14.37 10.31 -23.26
N CYS A 482 13.86 10.67 -22.09
CA CYS A 482 12.50 10.33 -21.70
C CYS A 482 11.77 11.59 -21.27
N SER A 483 10.46 11.60 -21.48
CA SER A 483 9.59 12.71 -21.12
C SER A 483 8.61 12.30 -20.04
N THR A 484 8.12 13.29 -19.30
CA THR A 484 7.17 13.06 -18.22
C THR A 484 5.74 13.48 -18.57
N ILE A 485 5.58 14.40 -19.52
CA ILE A 485 4.26 14.91 -19.87
C ILE A 485 3.55 13.90 -20.76
N ALA A 486 2.32 13.56 -20.39
CA ALA A 486 1.51 12.65 -21.18
C ALA A 486 1.07 13.30 -22.48
N ARG A 487 0.79 12.46 -23.48
CA ARG A 487 0.43 12.95 -24.80
C ARG A 487 -0.54 11.97 -25.46
N GLY A 488 -1.20 12.46 -26.49
CA GLY A 488 -2.11 11.65 -27.28
C GLY A 488 -3.55 11.76 -26.80
N LYS A 489 -4.47 11.35 -27.68
CA LYS A 489 -5.88 11.38 -27.35
C LYS A 489 -6.23 10.31 -26.32
N ARG A 490 -7.18 10.63 -25.45
CA ARG A 490 -7.62 9.74 -24.38
C ARG A 490 -8.95 9.12 -24.78
N GLU A 491 -9.00 7.79 -24.82
CA GLU A 491 -10.21 7.05 -25.15
C GLU A 491 -10.77 6.36 -23.91
N HIS A 492 -12.04 5.99 -23.99
CA HIS A 492 -12.73 5.32 -22.91
C HIS A 492 -12.99 3.87 -23.31
N GLY A 493 -12.64 2.95 -22.43
CA GLY A 493 -12.87 1.54 -22.68
C GLY A 493 -11.83 0.70 -21.95
N LYS A 494 -11.93 -0.61 -22.18
CA LYS A 494 -11.03 -1.58 -21.59
C LYS A 494 -10.54 -2.54 -22.65
N TYR A 495 -9.28 -2.96 -22.53
CA TYR A 495 -8.73 -3.94 -23.44
C TYR A 495 -8.82 -5.35 -22.83
N PRO A 496 -8.92 -6.38 -23.65
CA PRO A 496 -9.10 -7.74 -23.11
C PRO A 496 -7.88 -8.20 -22.32
N GLY A 497 -8.13 -9.06 -21.34
CA GLY A 497 -7.07 -9.63 -20.54
C GLY A 497 -7.55 -10.85 -19.79
N ALA A 498 -6.59 -11.61 -19.27
CA ALA A 498 -6.84 -12.77 -18.42
C ALA A 498 -7.63 -13.87 -19.11
N PHE A 499 -7.78 -15.01 -18.43
CA PHE A 499 -8.57 -16.13 -18.93
C PHE A 499 -8.85 -17.07 -17.78
N VAL A 500 -10.12 -17.43 -17.59
CA VAL A 500 -10.53 -18.32 -16.53
C VAL A 500 -11.21 -19.55 -17.15
N ILE A 501 -10.88 -20.73 -16.63
CA ILE A 501 -11.37 -21.99 -17.16
C ILE A 501 -12.56 -22.43 -16.33
N ASP A 502 -13.64 -22.84 -17.00
CA ASP A 502 -14.85 -23.28 -16.32
C ASP A 502 -14.55 -24.49 -15.45
N PRO A 503 -14.86 -24.45 -14.16
CA PRO A 503 -14.50 -25.56 -13.27
C PRO A 503 -15.40 -26.76 -13.45
N VAL A 504 -14.87 -27.92 -13.06
CA VAL A 504 -15.67 -29.14 -12.91
C VAL A 504 -16.19 -29.10 -11.48
N LYS A 505 -17.37 -28.51 -11.31
CA LYS A 505 -17.89 -28.23 -9.98
C LYS A 505 -18.17 -29.51 -9.21
N GLY A 506 -18.00 -29.45 -7.91
CA GLY A 506 -18.36 -30.56 -7.05
C GLY A 506 -17.31 -30.81 -5.99
N LEU A 507 -17.48 -31.93 -5.30
CA LEU A 507 -16.61 -32.35 -4.21
C LEU A 507 -15.78 -33.54 -4.67
N GLU A 508 -14.46 -33.42 -4.56
CA GLU A 508 -13.54 -34.49 -4.91
C GLU A 508 -12.91 -35.01 -3.63
N GLN A 509 -13.16 -36.28 -3.32
CA GLN A 509 -12.59 -36.94 -2.15
C GLN A 509 -11.92 -38.27 -2.49
N ASP A 510 -11.62 -38.51 -3.77
CA ASP A 510 -10.94 -39.73 -4.19
C ASP A 510 -9.66 -39.49 -4.98
N LYS A 511 -9.50 -38.32 -5.59
CA LYS A 511 -8.31 -38.01 -6.38
C LYS A 511 -7.65 -36.74 -5.87
N PRO A 512 -6.43 -36.81 -5.34
CA PRO A 512 -5.74 -35.59 -4.92
C PRO A 512 -5.51 -34.66 -6.10
N THR A 513 -5.61 -33.36 -5.84
CA THR A 513 -5.47 -32.32 -6.84
C THR A 513 -4.32 -31.40 -6.46
N THR A 514 -3.47 -31.09 -7.44
CA THR A 514 -2.28 -30.29 -7.23
C THR A 514 -2.29 -29.09 -8.17
N GLY A 515 -1.94 -27.92 -7.64
CA GLY A 515 -1.92 -26.69 -8.41
C GLY A 515 -0.50 -26.24 -8.67
N LEU A 516 -0.22 -25.93 -9.93
CA LEU A 516 1.06 -25.38 -10.35
C LEU A 516 0.83 -24.01 -10.97
N ASP A 517 1.72 -23.05 -10.67
CA ASP A 517 1.55 -21.73 -11.27
C ASP A 517 2.88 -21.21 -11.78
N PHE A 518 2.79 -20.26 -12.71
CA PHE A 518 3.97 -19.56 -13.16
C PHE A 518 4.50 -18.63 -12.07
N ALA A 519 5.81 -18.43 -12.07
CA ALA A 519 6.46 -17.53 -11.13
C ALA A 519 6.82 -16.24 -11.86
N SER A 520 6.23 -15.13 -11.39
CA SER A 520 6.43 -13.81 -12.01
C SER A 520 6.09 -13.84 -13.49
N LEU A 521 4.80 -14.09 -13.77
CA LEU A 521 4.37 -14.36 -15.14
C LEU A 521 4.62 -13.18 -16.07
N TYR A 522 3.99 -12.04 -15.78
CA TYR A 522 4.08 -10.90 -16.69
C TYR A 522 5.49 -10.34 -16.79
N PRO A 523 6.25 -10.13 -15.70
CA PRO A 523 7.65 -9.74 -15.88
C PRO A 523 8.46 -10.74 -16.69
N SER A 524 8.22 -12.04 -16.51
CA SER A 524 8.94 -13.04 -17.29
C SER A 524 8.60 -12.94 -18.77
N LEU A 525 7.33 -12.68 -19.08
CA LEU A 525 6.95 -12.50 -20.48
C LEU A 525 7.63 -11.27 -21.07
N ILE A 526 7.71 -10.19 -20.29
CA ILE A 526 8.39 -8.99 -20.76
C ILE A 526 9.86 -9.28 -21.04
N MET A 527 10.52 -10.03 -20.14
CA MET A 527 11.91 -10.40 -20.36
C MET A 527 12.07 -11.28 -21.59
N ALA A 528 11.13 -12.22 -21.79
CA ALA A 528 11.29 -13.21 -22.86
C ALA A 528 11.04 -12.60 -24.23
N TYR A 529 10.08 -11.69 -24.35
CA TYR A 529 9.68 -11.18 -25.66
C TYR A 529 10.11 -9.75 -25.93
N ASN A 530 10.84 -9.11 -25.02
CA ASN A 530 11.29 -7.72 -25.17
C ASN A 530 10.11 -6.77 -25.39
N PHE A 531 9.26 -6.64 -24.38
CA PHE A 531 8.17 -5.68 -24.42
C PHE A 531 8.69 -4.35 -23.90
N SER A 532 9.40 -3.64 -24.77
CA SER A 532 10.00 -2.36 -24.45
C SER A 532 9.63 -1.33 -25.49
N PRO A 533 9.52 -0.05 -25.10
CA PRO A 533 9.13 0.98 -26.07
C PRO A 533 10.09 1.14 -27.23
N GLU A 534 11.39 0.94 -27.01
CA GLU A 534 12.37 1.15 -28.07
C GLU A 534 12.48 -0.01 -29.04
N LYS A 535 11.78 -1.11 -28.78
CA LYS A 535 11.81 -2.28 -29.64
C LYS A 535 10.44 -2.57 -30.26
N PHE A 536 9.66 -1.52 -30.51
CA PHE A 536 8.30 -1.66 -31.00
C PHE A 536 8.25 -1.23 -32.47
N VAL A 537 7.64 -2.07 -33.30
CA VAL A 537 7.46 -1.78 -34.71
C VAL A 537 5.96 -1.76 -35.00
N ALA A 538 5.50 -0.71 -35.67
CA ALA A 538 4.08 -0.52 -35.91
C ALA A 538 3.64 -0.83 -37.34
N SER A 539 4.49 -0.56 -38.33
CA SER A 539 4.13 -0.78 -39.72
C SER A 539 4.42 -2.21 -40.14
N ARG A 540 3.61 -2.71 -41.08
CA ARG A 540 3.80 -4.06 -41.59
C ARG A 540 5.03 -4.14 -42.49
N ASP A 541 5.26 -3.12 -43.31
CA ASP A 541 6.39 -3.13 -44.23
C ASP A 541 7.72 -3.19 -43.47
N GLU A 542 7.82 -2.43 -42.37
CA GLU A 542 9.04 -2.45 -41.58
C GLU A 542 9.30 -3.83 -40.99
N ALA A 543 8.25 -4.47 -40.48
CA ALA A 543 8.40 -5.82 -39.93
C ALA A 543 8.82 -6.80 -41.01
N ASN A 544 8.23 -6.71 -42.20
CA ASN A 544 8.61 -7.59 -43.29
C ASN A 544 10.07 -7.41 -43.68
N SER A 545 10.51 -6.15 -43.79
CA SER A 545 11.91 -5.89 -44.14
C SER A 545 12.85 -6.39 -43.05
N LEU A 546 12.48 -6.20 -41.79
CA LEU A 546 13.32 -6.66 -40.69
C LEU A 546 13.44 -8.18 -40.68
N MET A 547 12.35 -8.88 -40.93
CA MET A 547 12.41 -10.33 -41.06
C MET A 547 13.26 -10.75 -42.26
N ALA A 548 13.16 -9.99 -43.36
CA ALA A 548 13.96 -10.31 -44.54
C ALA A 548 15.44 -10.20 -44.25
N LYS A 549 15.85 -9.17 -43.50
CA LYS A 549 17.27 -9.03 -43.18
C LYS A 549 17.75 -10.16 -42.26
N GLY A 550 16.89 -10.69 -41.40
CA GLY A 550 17.27 -11.83 -40.60
C GLY A 550 16.97 -11.71 -39.12
N GLU A 551 16.18 -10.72 -38.72
CA GLU A 551 15.85 -10.52 -37.32
C GLU A 551 14.78 -11.51 -36.88
N SER A 552 14.40 -11.44 -35.61
CA SER A 552 13.34 -12.25 -35.04
C SER A 552 12.31 -11.33 -34.40
N LEU A 553 11.04 -11.55 -34.72
CA LEU A 553 9.97 -10.66 -34.29
C LEU A 553 8.85 -11.44 -33.63
N HIS A 554 8.14 -10.77 -32.75
CA HIS A 554 6.96 -11.29 -32.06
C HIS A 554 5.74 -10.49 -32.50
N TYR A 555 4.70 -11.18 -32.95
CA TYR A 555 3.52 -10.57 -33.52
C TYR A 555 2.39 -10.54 -32.49
N VAL A 556 1.67 -9.42 -32.43
CA VAL A 556 0.59 -9.23 -31.47
C VAL A 556 -0.62 -8.66 -32.19
N SER A 557 -1.81 -9.17 -31.85
CA SER A 557 -3.05 -8.69 -32.41
C SER A 557 -4.19 -8.97 -31.43
N PHE A 558 -5.08 -8.00 -31.29
CA PHE A 558 -6.28 -8.18 -30.47
C PHE A 558 -7.34 -7.19 -30.93
N HIS A 559 -8.47 -7.16 -30.22
CA HIS A 559 -9.62 -6.35 -30.58
C HIS A 559 -9.87 -5.31 -29.50
N PHE A 560 -10.16 -4.08 -29.92
CA PHE A 560 -10.38 -2.97 -28.99
C PHE A 560 -11.36 -1.99 -29.59
N ASN A 561 -12.52 -1.84 -28.95
CA ASN A 561 -13.54 -0.87 -29.35
C ASN A 561 -13.95 -1.08 -30.81
N ASN A 562 -14.22 -2.34 -31.16
CA ASN A 562 -14.62 -2.72 -32.52
C ASN A 562 -13.55 -2.25 -33.52
N ARG A 563 -12.32 -2.68 -33.27
CA ARG A 563 -11.17 -2.30 -34.08
C ARG A 563 -10.03 -3.25 -33.76
N LEU A 564 -9.22 -3.55 -34.77
CA LEU A 564 -8.11 -4.47 -34.62
C LEU A 564 -6.83 -3.71 -34.31
N VAL A 565 -6.20 -4.06 -33.17
CA VAL A 565 -4.91 -3.50 -32.78
C VAL A 565 -3.85 -4.53 -33.10
N GLU A 566 -2.83 -4.11 -33.86
CA GLU A 566 -1.84 -5.01 -34.42
C GLU A 566 -0.45 -4.39 -34.28
N GLY A 567 0.54 -5.25 -34.04
CA GLY A 567 1.90 -4.75 -33.87
C GLY A 567 2.92 -5.86 -33.84
N TRP A 568 4.19 -5.44 -33.79
CA TRP A 568 5.32 -6.35 -33.72
C TRP A 568 6.34 -5.83 -32.71
N PHE A 569 7.17 -6.75 -32.22
CA PHE A 569 8.27 -6.43 -31.33
C PHE A 569 9.52 -7.18 -31.76
N VAL A 570 10.68 -6.64 -31.41
CA VAL A 570 11.97 -7.20 -31.82
C VAL A 570 12.58 -7.97 -30.65
N ARG A 571 13.04 -9.18 -30.93
CA ARG A 571 13.60 -10.05 -29.91
C ARG A 571 15.12 -9.87 -29.81
N HIS A 572 15.71 -10.50 -28.78
CA HIS A 572 17.12 -10.32 -28.46
C HIS A 572 17.94 -11.60 -28.57
N ASN A 573 17.30 -12.73 -28.88
CA ASN A 573 17.91 -14.05 -29.09
C ASN A 573 19.12 -14.30 -28.21
N ASN A 574 18.98 -14.02 -26.92
CA ASN A 574 19.99 -14.32 -25.90
C ASN A 574 21.31 -13.62 -26.20
N VAL A 575 21.26 -12.29 -26.23
CA VAL A 575 22.45 -11.46 -26.39
C VAL A 575 22.34 -10.28 -25.43
N PRO A 576 23.35 -10.04 -24.59
CA PRO A 576 23.26 -8.91 -23.65
C PRO A 576 23.14 -7.55 -24.32
N ASP A 577 23.72 -7.38 -25.51
CA ASP A 577 23.68 -6.09 -26.18
C ASP A 577 22.28 -5.76 -26.66
N LYS A 578 21.51 -6.77 -27.05
CA LYS A 578 20.22 -6.56 -27.71
C LYS A 578 19.05 -6.52 -26.74
N MET A 579 19.30 -6.60 -25.43
CA MET A 579 18.21 -6.59 -24.47
C MET A 579 17.68 -5.17 -24.28
N GLY A 580 16.39 -5.06 -23.98
CA GLY A 580 15.73 -3.79 -23.82
C GLY A 580 15.98 -3.18 -22.45
N LEU A 581 15.14 -2.20 -22.11
CA LEU A 581 15.30 -1.44 -20.89
C LEU A 581 14.39 -1.97 -19.78
N TYR A 582 13.12 -2.19 -20.09
CA TYR A 582 12.23 -2.89 -19.15
C TYR A 582 12.81 -4.23 -18.71
N PRO A 583 13.30 -5.10 -19.61
CA PRO A 583 13.92 -6.34 -19.11
C PRO A 583 15.10 -6.11 -18.19
N LYS A 584 15.91 -5.08 -18.45
CA LYS A 584 17.05 -4.79 -17.58
C LYS A 584 16.57 -4.42 -16.18
N VAL A 585 15.59 -3.53 -16.09
CA VAL A 585 15.09 -3.09 -14.79
C VAL A 585 14.47 -4.27 -14.04
N LEU A 586 13.66 -5.08 -14.73
CA LEU A 586 13.01 -6.20 -14.06
C LEU A 586 14.02 -7.27 -13.64
N ILE A 587 15.07 -7.49 -14.45
CA ILE A 587 16.11 -8.43 -14.08
C ILE A 587 16.83 -7.95 -12.82
N ASP A 588 17.15 -6.67 -12.76
CA ASP A 588 17.77 -6.12 -11.56
C ASP A 588 16.86 -6.24 -10.34
N LEU A 589 15.56 -6.08 -10.51
CA LEU A 589 14.63 -6.18 -9.39
C LEU A 589 14.36 -7.61 -8.93
N LEU A 590 14.47 -8.60 -9.82
CA LEU A 590 14.09 -9.96 -9.45
C LEU A 590 15.07 -10.61 -8.47
N ASN A 591 16.34 -10.24 -8.53
CA ASN A 591 17.34 -10.89 -7.68
C ASN A 591 17.07 -10.60 -6.20
N LYS A 592 16.65 -9.38 -5.88
CA LYS A 592 16.33 -9.04 -4.49
C LYS A 592 15.20 -9.91 -3.97
N ARG A 593 14.17 -10.10 -4.78
CA ARG A 593 13.05 -10.96 -4.36
C ARG A 593 13.50 -12.40 -4.21
N THR A 594 14.37 -12.87 -5.09
CA THR A 594 14.87 -14.24 -4.95
C THR A 594 15.65 -14.42 -3.64
N ALA A 595 16.51 -13.46 -3.31
CA ALA A 595 17.26 -13.54 -2.07
C ALA A 595 16.34 -13.51 -0.85
N LEU A 596 15.34 -12.63 -0.87
CA LEU A 596 14.40 -12.56 0.24
C LEU A 596 13.60 -13.86 0.37
N LYS A 597 13.25 -14.47 -0.76
CA LYS A 597 12.53 -15.74 -0.72
C LYS A 597 13.40 -16.85 -0.12
N GLN A 598 14.68 -16.88 -0.47
CA GLN A 598 15.57 -17.87 0.13
C GLN A 598 15.67 -17.66 1.64
N GLU A 599 15.81 -16.41 2.08
CA GLU A 599 15.85 -16.14 3.51
C GLU A 599 14.55 -16.55 4.18
N LEU A 600 13.42 -16.31 3.52
CA LEU A 600 12.13 -16.71 4.06
C LEU A 600 12.03 -18.22 4.22
N LYS A 601 12.51 -18.96 3.22
CA LYS A 601 12.51 -20.42 3.31
C LYS A 601 13.38 -20.91 4.46
N LYS A 602 14.56 -20.32 4.64
CA LYS A 602 15.41 -20.71 5.75
C LYS A 602 14.74 -20.43 7.09
N LEU A 603 14.10 -19.26 7.22
CA LEU A 603 13.40 -18.95 8.46
C LEU A 603 12.26 -19.92 8.72
N GLY A 604 11.51 -20.27 7.68
CA GLY A 604 10.44 -21.24 7.86
C GLY A 604 10.93 -22.61 8.28
N GLU A 605 12.03 -23.06 7.67
CA GLU A 605 12.62 -24.33 8.05
C GLU A 605 13.08 -24.31 9.51
N LYS A 606 13.68 -23.20 9.93
CA LYS A 606 14.09 -23.08 11.34
C LYS A 606 12.88 -23.07 12.27
N LYS A 607 11.80 -22.40 11.85
CA LYS A 607 10.60 -22.32 12.70
C LYS A 607 9.92 -23.66 12.83
N GLU A 608 9.94 -24.48 11.78
CA GLU A 608 9.25 -25.76 11.81
C GLU A 608 9.79 -26.70 12.88
N CYS A 609 11.01 -26.45 13.37
CA CYS A 609 11.63 -27.31 14.38
C CYS A 609 11.38 -26.81 15.80
N ILE A 610 10.56 -25.77 15.98
CA ILE A 610 10.31 -25.18 17.28
C ILE A 610 8.84 -25.36 17.62
N HIS A 611 8.56 -25.86 18.82
CA HIS A 611 7.19 -26.10 19.25
C HIS A 611 6.49 -24.79 19.58
N GLU A 612 5.16 -24.87 19.72
CA GLU A 612 4.36 -23.68 20.00
C GLU A 612 4.60 -23.16 21.42
N SER A 613 4.91 -24.05 22.36
CA SER A 613 5.04 -23.65 23.76
C SER A 613 6.28 -22.81 24.03
N HIS A 614 7.28 -22.87 23.16
CA HIS A 614 8.50 -22.11 23.38
C HIS A 614 8.21 -20.61 23.34
N PRO A 615 8.80 -19.82 24.24
CA PRO A 615 8.54 -18.38 24.26
C PRO A 615 8.99 -17.67 22.98
N GLY A 616 9.95 -18.25 22.28
CA GLY A 616 10.49 -17.62 21.08
C GLY A 616 9.68 -17.84 19.83
N PHE A 617 8.53 -18.52 19.93
CA PHE A 617 7.73 -18.79 18.74
C PHE A 617 7.11 -17.52 18.18
N LYS A 618 6.66 -16.62 19.05
CA LYS A 618 5.99 -15.41 18.58
C LYS A 618 6.94 -14.50 17.82
N GLU A 619 8.19 -14.37 18.30
CA GLU A 619 9.15 -13.52 17.61
C GLU A 619 9.48 -14.08 16.22
N LEU A 620 9.63 -15.40 16.12
CA LEU A 620 9.89 -16.03 14.82
C LEU A 620 8.70 -15.83 13.89
N GLN A 621 7.48 -15.95 14.40
CA GLN A 621 6.30 -15.70 13.59
C GLN A 621 6.26 -14.26 13.09
N PHE A 622 6.62 -13.31 13.95
CA PHE A 622 6.64 -11.89 13.58
C PHE A 622 7.68 -11.64 12.49
N ARG A 623 8.88 -12.21 12.64
CA ARG A 623 9.93 -12.01 11.65
C ARG A 623 9.54 -12.62 10.31
N HIS A 624 8.92 -13.80 10.34
CA HIS A 624 8.43 -14.45 9.13
C HIS A 624 7.42 -13.56 8.41
N ALA A 625 6.49 -12.98 9.18
CA ALA A 625 5.47 -12.12 8.62
C ALA A 625 6.09 -10.87 7.98
N MET A 626 7.10 -10.29 8.64
CA MET A 626 7.74 -9.11 8.07
C MET A 626 8.48 -9.43 6.78
N VAL A 627 9.17 -10.57 6.72
CA VAL A 627 9.86 -10.93 5.48
C VAL A 627 8.86 -11.17 4.36
N ASP A 628 7.75 -11.84 4.68
CA ASP A 628 6.71 -12.07 3.69
C ASP A 628 6.13 -10.75 3.18
N ALA A 629 5.90 -9.80 4.10
CA ALA A 629 5.38 -8.50 3.70
C ALA A 629 6.36 -7.78 2.79
N LYS A 630 7.65 -7.88 3.10
CA LYS A 630 8.66 -7.23 2.26
C LYS A 630 8.65 -7.80 0.85
N GLN A 631 8.57 -9.12 0.72
CA GLN A 631 8.60 -9.70 -0.63
C GLN A 631 7.31 -9.41 -1.38
N LYS A 632 6.18 -9.33 -0.68
CA LYS A 632 4.94 -8.89 -1.33
C LYS A 632 5.03 -7.44 -1.79
N ALA A 633 5.68 -6.59 -0.99
CA ALA A 633 5.89 -5.20 -1.39
C ALA A 633 6.76 -5.10 -2.64
N LEU A 634 7.78 -5.94 -2.75
CA LEU A 634 8.52 -6.00 -4.01
C LEU A 634 7.64 -6.46 -5.16
N LYS A 635 6.78 -7.46 -4.92
CA LYS A 635 5.95 -8.01 -5.98
C LYS A 635 4.99 -6.97 -6.55
N ILE A 636 4.33 -6.20 -5.67
CA ILE A 636 3.37 -5.22 -6.14
C ILE A 636 4.09 -4.10 -6.91
N PHE A 637 5.26 -3.71 -6.45
CA PHE A 637 6.05 -2.71 -7.15
C PHE A 637 6.44 -3.21 -8.54
N MET A 638 6.78 -4.50 -8.65
CA MET A 638 7.11 -5.08 -9.95
C MET A 638 5.91 -5.07 -10.88
N ASN A 639 4.74 -5.43 -10.36
CA ASN A 639 3.53 -5.47 -11.20
C ASN A 639 3.09 -4.07 -11.60
N THR A 640 3.44 -3.06 -10.80
CA THR A 640 3.07 -1.69 -11.13
C THR A 640 3.66 -1.26 -12.46
N PHE A 641 4.74 -1.89 -12.91
CA PHE A 641 5.30 -1.57 -14.22
C PHE A 641 4.30 -1.88 -15.34
N TYR A 642 3.78 -3.11 -15.34
CA TYR A 642 2.74 -3.47 -16.30
C TYR A 642 1.50 -2.62 -16.11
N GLY A 643 1.14 -2.35 -14.86
CA GLY A 643 -0.03 -1.51 -14.60
C GLY A 643 0.10 -0.13 -15.22
N GLU A 644 1.28 0.48 -15.10
CA GLU A 644 1.52 1.82 -15.63
C GLU A 644 1.70 1.80 -17.14
N ALA A 645 2.14 0.69 -17.71
CA ALA A 645 2.32 0.60 -19.16
C ALA A 645 1.01 0.75 -19.93
N GLY A 646 -0.15 0.59 -19.27
CA GLY A 646 -1.42 0.75 -19.93
C GLY A 646 -2.24 1.92 -19.40
N ASN A 647 -1.68 2.64 -18.43
CA ASN A 647 -2.38 3.78 -17.86
C ASN A 647 -2.45 4.92 -18.87
N ASN A 648 -3.63 5.51 -19.01
CA ASN A 648 -3.87 6.53 -20.04
C ASN A 648 -3.27 7.89 -19.68
N LEU A 649 -2.92 8.11 -18.41
CA LEU A 649 -2.41 9.39 -17.95
C LEU A 649 -0.90 9.39 -17.75
N SER A 650 -0.20 8.35 -18.20
CA SER A 650 1.23 8.26 -17.96
C SER A 650 2.01 8.45 -19.24
N PRO A 651 3.25 8.95 -19.16
CA PRO A 651 4.05 9.12 -20.38
C PRO A 651 4.47 7.82 -21.04
N PHE A 652 4.38 6.69 -20.34
CA PHE A 652 4.77 5.39 -20.87
C PHE A 652 3.57 4.58 -21.35
N PHE A 653 2.56 5.24 -21.90
CA PHE A 653 1.35 4.58 -22.34
C PHE A 653 1.59 3.90 -23.68
N LEU A 654 1.35 2.59 -23.74
CA LEU A 654 1.48 1.83 -24.99
C LEU A 654 0.51 0.66 -24.92
N LEU A 655 -0.62 0.80 -25.60
CA LEU A 655 -1.64 -0.25 -25.59
C LEU A 655 -1.14 -1.59 -26.12
N PRO A 656 -0.39 -1.67 -27.23
CA PRO A 656 0.08 -2.97 -27.70
C PRO A 656 0.89 -3.74 -26.68
N LEU A 657 1.63 -3.06 -25.80
CA LEU A 657 2.42 -3.77 -24.79
C LEU A 657 1.53 -4.57 -23.85
N ALA A 658 0.51 -3.92 -23.26
CA ALA A 658 -0.39 -4.62 -22.36
C ALA A 658 -1.20 -5.68 -23.10
N GLY A 659 -1.67 -5.36 -24.30
CA GLY A 659 -2.40 -6.35 -25.07
C GLY A 659 -1.58 -7.59 -25.35
N GLY A 660 -0.32 -7.40 -25.75
CA GLY A 660 0.54 -8.53 -26.01
C GLY A 660 0.87 -9.33 -24.76
N VAL A 661 1.05 -8.64 -23.63
CA VAL A 661 1.30 -9.36 -22.38
C VAL A 661 0.13 -10.29 -22.07
N THR A 662 -1.09 -9.76 -22.12
CA THR A 662 -2.25 -10.58 -21.80
C THR A 662 -2.44 -11.71 -22.80
N SER A 663 -2.28 -11.42 -24.10
CA SER A 663 -2.45 -12.44 -25.12
C SER A 663 -1.42 -13.56 -24.97
N SER A 664 -0.16 -13.20 -24.67
CA SER A 664 0.87 -14.20 -24.50
C SER A 664 0.62 -15.05 -23.26
N GLY A 665 0.11 -14.43 -22.18
CA GLY A 665 -0.27 -15.21 -21.02
C GLY A 665 -1.32 -16.25 -21.36
N GLN A 666 -2.36 -15.82 -22.09
CA GLN A 666 -3.41 -16.76 -22.49
C GLN A 666 -2.84 -17.88 -23.35
N TYR A 667 -1.97 -17.53 -24.30
CA TYR A 667 -1.40 -18.54 -25.20
C TYR A 667 -0.58 -19.56 -24.44
N ASN A 668 0.25 -19.10 -23.50
CA ASN A 668 1.08 -20.03 -22.73
C ASN A 668 0.22 -20.93 -21.85
N LEU A 669 -0.81 -20.38 -21.23
CA LEU A 669 -1.69 -21.21 -20.41
C LEU A 669 -2.38 -22.28 -21.24
N LYS A 670 -2.88 -21.91 -22.42
CA LYS A 670 -3.53 -22.90 -23.28
C LYS A 670 -2.55 -23.96 -23.76
N LEU A 671 -1.32 -23.56 -24.10
CA LEU A 671 -0.32 -24.52 -24.55
C LEU A 671 -0.02 -25.54 -23.46
N VAL A 672 0.19 -25.07 -22.22
CA VAL A 672 0.45 -25.99 -21.12
C VAL A 672 -0.74 -26.89 -20.86
N TYR A 673 -1.96 -26.33 -20.97
CA TYR A 673 -3.17 -27.12 -20.77
C TYR A 673 -3.23 -28.28 -21.76
N ASN A 674 -3.02 -27.98 -23.05
CA ASN A 674 -3.06 -29.02 -24.07
C ASN A 674 -1.96 -30.05 -23.85
N PHE A 675 -0.75 -29.60 -23.51
CA PHE A 675 0.35 -30.53 -23.31
C PHE A 675 0.07 -31.49 -22.16
N VAL A 676 -0.46 -30.97 -21.05
CA VAL A 676 -0.75 -31.83 -19.92
C VAL A 676 -1.91 -32.77 -20.23
N ILE A 677 -2.92 -32.30 -20.95
CA ILE A 677 -4.05 -33.15 -21.29
C ILE A 677 -3.61 -34.32 -22.17
N ASN A 678 -2.75 -34.05 -23.16
CA ASN A 678 -2.34 -35.08 -24.10
C ASN A 678 -1.37 -36.10 -23.49
N LYS A 679 -1.17 -36.09 -22.18
CA LYS A 679 -0.26 -37.03 -21.52
C LYS A 679 -0.96 -38.03 -20.62
N GLY A 680 -2.26 -37.85 -20.36
CA GLY A 680 -3.03 -38.79 -19.56
C GLY A 680 -3.53 -38.24 -18.25
N TYR A 681 -3.10 -37.05 -17.84
CA TYR A 681 -3.56 -36.43 -16.61
C TYR A 681 -4.89 -35.73 -16.84
N GLY A 682 -5.58 -35.43 -15.75
CA GLY A 682 -6.83 -34.70 -15.78
C GLY A 682 -6.68 -33.34 -15.10
N ILE A 683 -7.11 -32.30 -15.81
CA ILE A 683 -7.00 -30.93 -15.34
C ILE A 683 -8.36 -30.46 -14.90
N LYS A 684 -8.46 -30.03 -13.64
CA LYS A 684 -9.72 -29.59 -13.08
C LYS A 684 -9.91 -28.08 -13.11
N TYR A 685 -8.85 -27.29 -13.05
CA TYR A 685 -9.09 -25.85 -12.94
C TYR A 685 -7.94 -25.06 -13.56
N GLY A 686 -8.24 -23.79 -13.87
CA GLY A 686 -7.23 -22.88 -14.36
C GLY A 686 -7.66 -21.45 -14.15
N ASP A 687 -6.67 -20.58 -13.90
CA ASP A 687 -6.94 -19.16 -13.68
C ASP A 687 -5.68 -18.37 -13.99
N THR A 688 -5.68 -17.67 -15.13
CA THR A 688 -4.61 -16.76 -15.52
C THR A 688 -3.27 -17.46 -15.65
N ASP A 689 -2.72 -17.92 -14.53
CA ASP A 689 -1.47 -18.69 -14.53
C ASP A 689 -1.60 -20.00 -13.77
N SER A 690 -2.35 -20.02 -12.67
CA SER A 690 -2.48 -21.23 -11.88
C SER A 690 -3.28 -22.29 -12.63
N LEU A 691 -2.95 -23.55 -12.39
CA LEU A 691 -3.59 -24.65 -13.10
C LEU A 691 -3.59 -25.86 -12.19
N TYR A 692 -4.78 -26.45 -11.97
CA TYR A 692 -4.99 -27.51 -11.01
C TYR A 692 -5.29 -28.82 -11.74
N ILE A 693 -4.47 -29.84 -11.47
CA ILE A 693 -4.42 -31.12 -12.18
C ILE A 693 -4.69 -32.25 -11.19
N THR A 694 -5.15 -33.38 -11.72
CA THR A 694 -5.33 -34.61 -10.96
C THR A 694 -4.60 -35.75 -11.65
N CYS A 695 -4.25 -36.78 -10.85
CA CYS A 695 -3.41 -37.89 -11.27
C CYS A 695 -4.24 -39.01 -11.90
N PRO A 696 -3.61 -39.86 -12.71
CA PRO A 696 -4.33 -41.01 -13.27
C PRO A 696 -4.67 -42.04 -12.21
N ASP A 697 -5.53 -42.98 -12.60
CA ASP A 697 -6.05 -43.99 -11.67
C ASP A 697 -5.12 -45.19 -11.49
N SER A 698 -4.13 -45.36 -12.37
CA SER A 698 -3.27 -46.54 -12.30
C SER A 698 -2.13 -46.38 -11.29
N LEU A 699 -1.91 -45.18 -10.76
CA LEU A 699 -0.77 -44.97 -9.88
C LEU A 699 -1.00 -45.56 -8.50
N TYR A 700 -2.25 -45.62 -8.05
CA TYR A 700 -2.57 -46.05 -6.69
C TYR A 700 -3.03 -47.50 -6.64
N THR A 701 -2.71 -48.30 -7.65
CA THR A 701 -3.21 -49.68 -7.70
C THR A 701 -2.65 -50.52 -6.55
N GLU A 702 -1.35 -50.39 -6.27
CA GLU A 702 -0.69 -51.23 -5.29
C GLU A 702 -1.25 -50.99 -3.89
N VAL A 703 -1.33 -49.72 -3.48
CA VAL A 703 -1.84 -49.40 -2.15
C VAL A 703 -3.32 -49.74 -2.04
N THR A 704 -4.08 -49.56 -3.13
CA THR A 704 -5.49 -49.93 -3.11
C THR A 704 -5.65 -51.43 -2.88
N ASP A 705 -4.88 -52.24 -3.61
CA ASP A 705 -4.96 -53.68 -3.43
C ASP A 705 -4.50 -54.09 -2.03
N ALA A 706 -3.48 -53.43 -1.50
CA ALA A 706 -3.04 -53.73 -0.14
C ALA A 706 -4.13 -53.43 0.89
N TYR A 707 -4.83 -52.31 0.73
CA TYR A 707 -5.91 -51.97 1.65
C TYR A 707 -7.10 -52.91 1.51
N LEU A 708 -7.44 -53.31 0.28
CA LEU A 708 -8.62 -54.15 0.07
C LEU A 708 -8.49 -55.52 0.71
N ASN A 709 -7.26 -55.96 1.01
CA ASN A 709 -7.04 -57.25 1.64
C ASN A 709 -6.90 -57.17 3.15
N SER A 710 -7.07 -55.98 3.72
CA SER A 710 -6.93 -55.76 5.15
C SER A 710 -8.32 -55.82 5.81
N GLN A 711 -8.37 -55.44 7.09
CA GLN A 711 -9.63 -55.44 7.84
C GLN A 711 -10.48 -54.21 7.57
N LYS A 712 -9.96 -53.22 6.83
CA LYS A 712 -10.69 -52.02 6.44
C LYS A 712 -11.19 -51.25 7.67
N THR A 713 -10.24 -50.75 8.45
CA THR A 713 -10.53 -49.85 9.56
C THR A 713 -10.19 -48.42 9.17
N ILE A 714 -10.44 -47.49 10.09
CA ILE A 714 -10.23 -46.08 9.80
C ILE A 714 -8.73 -45.77 9.67
N LYS A 715 -7.90 -46.41 10.52
CA LYS A 715 -6.47 -46.17 10.45
C LYS A 715 -5.89 -46.62 9.12
N HIS A 716 -6.42 -47.73 8.57
CA HIS A 716 -5.96 -48.18 7.27
C HIS A 716 -6.27 -47.17 6.18
N TYR A 717 -7.46 -46.56 6.24
CA TYR A 717 -7.78 -45.53 5.25
C TYR A 717 -6.93 -44.29 5.43
N GLU A 718 -6.59 -43.94 6.68
CA GLU A 718 -5.68 -42.82 6.90
C GLU A 718 -4.32 -43.09 6.28
N GLN A 719 -3.81 -44.32 6.46
CA GLN A 719 -2.53 -44.69 5.85
C GLN A 719 -2.62 -44.63 4.32
N LEU A 720 -3.73 -45.11 3.77
CA LEU A 720 -3.92 -45.04 2.32
C LEU A 720 -3.91 -43.60 1.82
N CYS A 721 -4.55 -42.69 2.57
CA CYS A 721 -4.55 -41.28 2.18
C CYS A 721 -3.13 -40.71 2.24
N HIS A 722 -2.38 -41.04 3.29
CA HIS A 722 -1.00 -40.57 3.37
C HIS A 722 -0.19 -41.02 2.16
N GLU A 723 -0.32 -42.31 1.81
CA GLU A 723 0.42 -42.82 0.66
C GLU A 723 -0.02 -42.16 -0.63
N LYS A 724 -1.32 -41.93 -0.79
CA LYS A 724 -1.82 -41.25 -1.98
C LYS A 724 -1.19 -39.87 -2.13
N VAL A 725 -1.15 -39.11 -1.03
CA VAL A 725 -0.59 -37.77 -1.09
C VAL A 725 0.90 -37.81 -1.42
N LEU A 726 1.62 -38.77 -0.82
CA LEU A 726 3.06 -38.87 -1.08
C LEU A 726 3.34 -39.18 -2.55
N LEU A 727 2.65 -40.16 -3.12
CA LEU A 727 2.84 -40.45 -4.54
C LEU A 727 2.38 -39.29 -5.42
N SER A 728 1.37 -38.54 -4.97
CA SER A 728 0.95 -37.37 -5.73
C SER A 728 2.08 -36.35 -5.83
N MET A 729 2.74 -36.05 -4.70
CA MET A 729 3.88 -35.13 -4.75
C MET A 729 5.00 -35.68 -5.63
N LYS A 730 5.30 -36.98 -5.50
CA LYS A 730 6.39 -37.56 -6.26
C LYS A 730 6.14 -37.46 -7.76
N ALA A 731 4.91 -37.72 -8.20
CA ALA A 731 4.59 -37.62 -9.61
C ALA A 731 4.57 -36.17 -10.08
N MET A 732 4.07 -35.26 -9.24
CA MET A 732 3.96 -33.87 -9.65
C MET A 732 5.31 -33.21 -9.83
N SER A 733 6.31 -33.60 -9.04
CA SER A 733 7.65 -33.05 -9.24
C SER A 733 8.17 -33.37 -10.64
N THR A 734 8.07 -34.64 -11.06
CA THR A 734 8.52 -35.03 -12.38
C THR A 734 7.70 -34.34 -13.47
N LEU A 735 6.38 -34.24 -13.27
CA LEU A 735 5.56 -33.55 -14.26
C LEU A 735 5.98 -32.09 -14.42
N CYS A 736 6.27 -31.42 -13.31
CA CYS A 736 6.72 -30.03 -13.39
C CYS A 736 8.05 -29.91 -14.12
N ALA A 737 8.97 -30.84 -13.86
CA ALA A 737 10.25 -30.81 -14.57
C ALA A 737 10.05 -30.97 -16.08
N GLU A 738 9.20 -31.93 -16.47
CA GLU A 738 8.96 -32.14 -17.90
C GLU A 738 8.28 -30.94 -18.53
N VAL A 739 7.34 -30.32 -17.82
CA VAL A 739 6.65 -29.14 -18.34
C VAL A 739 7.63 -27.99 -18.55
N ASN A 740 8.54 -27.79 -17.58
CA ASN A 740 9.54 -26.73 -17.72
C ASN A 740 10.45 -26.99 -18.91
N GLU A 741 10.87 -28.24 -19.10
CA GLU A 741 11.70 -28.57 -20.26
C GLU A 741 10.95 -28.30 -21.57
N TYR A 742 9.67 -28.66 -21.63
CA TYR A 742 8.88 -28.43 -22.84
C TYR A 742 8.75 -26.94 -23.12
N LEU A 743 8.48 -26.14 -22.09
CA LEU A 743 8.37 -24.69 -22.30
C LEU A 743 9.68 -24.09 -22.76
N ARG A 744 10.80 -24.53 -22.16
CA ARG A 744 12.10 -24.02 -22.57
C ARG A 744 12.39 -24.35 -24.03
N GLN A 745 12.04 -25.57 -24.46
CA GLN A 745 12.21 -25.91 -25.86
C GLN A 745 11.28 -25.10 -26.75
N ASP A 746 10.09 -24.78 -26.27
CA ASP A 746 9.12 -24.06 -27.09
C ASP A 746 9.54 -22.62 -27.34
N ASN A 747 9.92 -21.90 -26.29
CA ASN A 747 10.25 -20.48 -26.46
C ASN A 747 11.73 -20.22 -26.70
N GLY A 748 12.62 -21.09 -26.24
CA GLY A 748 14.04 -20.90 -26.40
C GLY A 748 14.72 -20.09 -25.32
N THR A 749 14.06 -19.89 -24.18
CA THR A 749 14.61 -19.10 -23.10
C THR A 749 14.11 -19.67 -21.78
N SER A 750 14.94 -19.52 -20.73
CA SER A 750 14.69 -20.15 -19.45
C SER A 750 13.99 -19.24 -18.45
N TYR A 751 13.44 -18.11 -18.89
CA TYR A 751 12.77 -17.21 -17.96
C TYR A 751 11.43 -17.77 -17.51
N LEU A 752 10.64 -18.30 -18.43
CA LEU A 752 9.34 -18.87 -18.09
C LEU A 752 9.53 -20.20 -17.40
N ARG A 753 8.85 -20.40 -16.27
CA ARG A 753 9.04 -21.59 -15.47
C ARG A 753 7.84 -21.76 -14.54
N MET A 754 7.45 -23.02 -14.33
CA MET A 754 6.33 -23.36 -13.48
C MET A 754 6.82 -23.79 -12.10
N ALA A 755 5.97 -23.61 -11.10
CA ALA A 755 6.32 -23.85 -9.71
C ALA A 755 5.21 -24.61 -9.01
N TYR A 756 5.64 -25.52 -8.15
CA TYR A 756 4.81 -26.36 -7.29
C TYR A 756 4.43 -25.60 -6.03
N GLU A 757 3.17 -25.72 -5.63
CA GLU A 757 2.66 -24.98 -4.48
C GLU A 757 2.26 -25.89 -3.32
N GLU A 758 1.32 -26.81 -3.55
CA GLU A 758 0.76 -27.61 -2.46
C GLU A 758 -0.13 -28.69 -3.07
N VAL A 759 -0.69 -29.53 -2.20
CA VAL A 759 -1.63 -30.58 -2.58
C VAL A 759 -2.92 -30.37 -1.80
N LEU A 760 -4.05 -30.33 -2.51
CA LEU A 760 -5.36 -30.10 -1.92
C LEU A 760 -6.14 -31.40 -1.96
N PHE A 761 -6.38 -32.00 -0.80
CA PHE A 761 -7.13 -33.24 -0.70
C PHE A 761 -7.70 -33.40 0.70
N PRO A 762 -9.03 -33.50 0.86
CA PRO A 762 -10.09 -33.41 -0.15
C PRO A 762 -10.32 -32.00 -0.62
N VAL A 763 -10.99 -31.82 -1.76
CA VAL A 763 -11.16 -30.50 -2.34
C VAL A 763 -12.61 -30.32 -2.77
N CYS A 764 -13.03 -29.06 -2.90
CA CYS A 764 -14.36 -28.74 -3.39
C CYS A 764 -14.31 -27.47 -4.22
N PHE A 765 -14.93 -27.51 -5.39
CA PHE A 765 -15.05 -26.36 -6.28
C PHE A 765 -16.53 -26.00 -6.36
N THR A 766 -16.91 -24.86 -5.79
CA THR A 766 -18.30 -24.45 -5.76
C THR A 766 -18.67 -23.52 -6.91
N GLY A 767 -17.71 -23.10 -7.71
CA GLY A 767 -17.98 -22.20 -8.81
C GLY A 767 -16.70 -21.54 -9.28
N LYS A 768 -16.87 -20.50 -10.08
CA LYS A 768 -15.73 -19.73 -10.57
C LYS A 768 -15.19 -18.84 -9.46
N LYS A 769 -13.88 -18.90 -9.25
CA LYS A 769 -13.21 -18.14 -8.19
C LYS A 769 -13.76 -18.50 -6.81
N LYS A 770 -14.18 -19.74 -6.62
CA LYS A 770 -14.76 -20.18 -5.35
C LYS A 770 -14.42 -21.66 -5.16
N TYR A 771 -13.39 -21.92 -4.35
CA TYR A 771 -12.98 -23.28 -4.05
C TYR A 771 -12.36 -23.33 -2.67
N TYR A 772 -12.31 -24.52 -2.09
CA TYR A 772 -11.71 -24.70 -0.77
C TYR A 772 -11.22 -26.14 -0.63
N GLY A 773 -10.39 -26.35 0.38
CA GLY A 773 -9.82 -27.65 0.63
C GLY A 773 -8.87 -27.62 1.80
N ILE A 774 -8.25 -28.78 2.05
CA ILE A 774 -7.24 -28.94 3.09
C ILE A 774 -5.87 -28.86 2.43
N ALA A 775 -4.97 -28.08 3.01
CA ALA A 775 -3.68 -27.78 2.42
C ALA A 775 -2.60 -28.73 2.94
N HIS A 776 -1.87 -29.35 2.02
CA HIS A 776 -0.70 -30.16 2.35
C HIS A 776 0.50 -29.57 1.63
N VAL A 777 1.57 -29.30 2.38
CA VAL A 777 2.73 -28.59 1.82
C VAL A 777 3.86 -29.57 1.54
N ASN A 778 4.37 -30.22 2.59
CA ASN A 778 5.50 -31.12 2.42
C ASN A 778 5.23 -32.48 3.03
N THR A 779 4.42 -32.52 4.10
CA THR A 779 4.07 -33.77 4.74
C THR A 779 2.57 -33.83 4.98
N PRO A 780 1.95 -34.99 4.79
CA PRO A 780 0.51 -35.12 5.05
C PRO A 780 0.17 -34.84 6.51
N ASN A 781 -0.97 -34.18 6.71
CA ASN A 781 -1.45 -33.87 8.06
C ASN A 781 -2.92 -33.55 7.95
N PHE A 782 -3.75 -34.28 8.68
CA PHE A 782 -5.21 -34.20 8.52
C PHE A 782 -5.93 -33.58 9.70
N ASN A 783 -5.43 -33.74 10.92
CA ASN A 783 -6.10 -33.19 12.10
C ASN A 783 -5.67 -31.72 12.28
N THR A 784 -6.16 -30.89 11.37
CA THR A 784 -5.89 -29.46 11.39
C THR A 784 -7.21 -28.70 11.28
N LYS A 785 -7.14 -27.40 11.53
CA LYS A 785 -8.31 -26.53 11.46
C LYS A 785 -8.25 -25.51 10.34
N GLU A 786 -7.06 -25.17 9.84
CA GLU A 786 -6.96 -24.28 8.70
C GLU A 786 -7.60 -24.92 7.48
N LEU A 787 -8.34 -24.11 6.71
CA LEU A 787 -9.17 -24.66 5.64
C LEU A 787 -9.04 -23.84 4.36
N PHE A 788 -7.83 -23.32 4.11
CA PHE A 788 -7.53 -22.59 2.88
C PHE A 788 -8.47 -21.42 2.64
N ILE A 789 -9.54 -21.65 1.88
CA ILE A 789 -10.60 -20.67 1.58
C ILE A 789 -10.10 -19.62 0.60
N ARG A 790 -10.84 -19.42 -0.49
CA ARG A 790 -10.52 -18.40 -1.48
C ARG A 790 -11.83 -17.81 -2.01
N GLY A 791 -12.24 -16.68 -1.44
CA GLY A 791 -13.42 -15.98 -1.90
C GLY A 791 -14.73 -16.69 -1.68
N ILE A 792 -14.95 -17.26 -0.51
CA ILE A 792 -16.16 -18.02 -0.22
C ILE A 792 -17.20 -17.13 0.47
N ASP A 793 -17.02 -15.82 0.41
CA ASP A 793 -17.98 -14.79 0.83
C ASP A 793 -18.05 -14.69 2.36
N ILE A 794 -17.39 -15.59 3.08
CA ILE A 794 -17.33 -15.52 4.53
C ILE A 794 -16.07 -14.84 5.03
N ILE A 795 -15.21 -14.36 4.13
CA ILE A 795 -13.99 -13.66 4.49
C ILE A 795 -14.03 -12.20 4.09
N LYS A 796 -15.18 -11.69 3.66
CA LYS A 796 -15.29 -10.33 3.20
C LYS A 796 -15.47 -9.38 4.39
N GLN A 797 -15.64 -8.09 4.10
CA GLN A 797 -15.65 -7.06 5.12
C GLN A 797 -17.02 -6.86 5.75
N GLY A 798 -18.01 -6.49 4.93
CA GLY A 798 -19.33 -6.22 5.46
C GLY A 798 -20.19 -7.45 5.62
N GLN A 799 -19.76 -8.37 6.47
CA GLN A 799 -20.47 -9.63 6.69
C GLN A 799 -20.70 -9.86 8.17
N THR A 800 -21.88 -10.36 8.49
CA THR A 800 -22.22 -10.64 9.87
C THR A 800 -21.56 -11.93 10.34
N LYS A 801 -21.54 -12.13 11.66
CA LYS A 801 -20.98 -13.34 12.23
C LYS A 801 -21.85 -14.56 11.97
N LEU A 802 -23.14 -14.36 11.72
CA LEU A 802 -24.05 -15.48 11.46
C LEU A 802 -23.65 -16.23 10.21
N THR A 803 -23.42 -15.50 9.11
CA THR A 803 -23.03 -16.14 7.86
C THR A 803 -21.69 -16.85 8.00
N LYS A 804 -20.75 -16.23 8.71
CA LYS A 804 -19.46 -16.86 8.93
C LYS A 804 -19.61 -18.17 9.69
N THR A 805 -20.41 -18.19 10.75
CA THR A 805 -20.61 -19.40 11.52
C THR A 805 -21.25 -20.50 10.67
N ILE A 806 -22.29 -20.15 9.91
CA ILE A 806 -22.97 -21.15 9.09
C ILE A 806 -22.02 -21.70 8.02
N GLY A 807 -21.27 -20.82 7.37
CA GLY A 807 -20.34 -21.27 6.35
C GLY A 807 -19.25 -22.18 6.90
N THR A 808 -18.69 -21.82 8.05
CA THR A 808 -17.69 -22.69 8.67
C THR A 808 -18.28 -24.04 9.05
N ARG A 809 -19.50 -24.04 9.60
CA ARG A 809 -20.13 -25.30 9.98
C ARG A 809 -20.35 -26.19 8.75
N ILE A 810 -20.78 -25.60 7.64
CA ILE A 810 -21.00 -26.39 6.44
C ILE A 810 -19.68 -26.92 5.89
N MET A 811 -18.66 -26.05 5.84
CA MET A 811 -17.41 -26.42 5.18
C MET A 811 -16.64 -27.48 5.96
N GLU A 812 -16.56 -27.34 7.28
CA GLU A 812 -15.76 -28.27 8.06
C GLU A 812 -16.40 -29.66 8.18
N GLU A 813 -17.65 -29.82 7.75
CA GLU A 813 -18.33 -31.10 7.85
C GLU A 813 -18.16 -31.97 6.61
N SER A 814 -17.81 -31.38 5.48
CA SER A 814 -17.71 -32.10 4.23
C SER A 814 -16.35 -32.75 4.01
N MET A 815 -15.44 -32.66 4.98
CA MET A 815 -14.06 -33.12 4.84
C MET A 815 -13.64 -33.96 6.03
N LYS A 816 -14.47 -34.92 6.41
CA LYS A 816 -14.24 -35.74 7.59
C LYS A 816 -13.67 -37.12 7.26
N LEU A 817 -13.29 -37.37 6.01
CA LEU A 817 -12.61 -38.60 5.60
C LEU A 817 -13.44 -39.85 5.93
N ARG A 818 -14.56 -39.97 5.21
CA ARG A 818 -15.43 -41.13 5.34
C ARG A 818 -15.03 -42.21 4.34
N ARG A 819 -15.13 -43.47 4.78
CA ARG A 819 -14.72 -44.59 3.95
C ARG A 819 -15.72 -44.82 2.81
N PRO A 820 -15.26 -45.41 1.71
CA PRO A 820 -16.19 -45.71 0.61
C PRO A 820 -17.29 -46.69 0.99
N GLU A 821 -17.01 -47.64 1.89
CA GLU A 821 -18.00 -48.62 2.29
C GLU A 821 -18.96 -48.09 3.35
N ASP A 822 -18.64 -46.96 3.98
CA ASP A 822 -19.53 -46.35 4.95
C ASP A 822 -20.53 -45.45 4.21
N HIS A 823 -21.26 -44.63 4.96
CA HIS A 823 -22.23 -43.72 4.38
C HIS A 823 -21.53 -42.46 3.90
N ARG A 824 -21.58 -42.21 2.59
CA ARG A 824 -21.03 -40.97 2.04
C ARG A 824 -22.18 -40.04 1.70
N PRO A 825 -22.43 -39.01 2.49
CA PRO A 825 -23.61 -38.17 2.26
C PRO A 825 -23.28 -37.02 1.32
N PRO A 826 -24.24 -36.59 0.51
CA PRO A 826 -23.97 -35.50 -0.43
C PRO A 826 -23.91 -34.15 0.27
N LEU A 827 -23.66 -33.12 -0.54
CA LEU A 827 -23.57 -31.76 -0.02
C LEU A 827 -24.94 -31.18 0.33
N ILE A 828 -25.96 -31.59 -0.41
CA ILE A 828 -27.31 -31.05 -0.22
C ILE A 828 -27.82 -31.36 1.19
N GLU A 829 -27.59 -32.58 1.67
CA GLU A 829 -28.12 -32.93 2.98
C GLU A 829 -27.39 -32.16 4.07
N ILE A 830 -26.08 -31.92 3.91
CA ILE A 830 -25.34 -31.10 4.87
C ILE A 830 -25.92 -29.69 4.91
N VAL A 831 -26.14 -29.09 3.73
CA VAL A 831 -26.68 -27.74 3.68
C VAL A 831 -28.05 -27.69 4.34
N LYS A 832 -28.90 -28.67 4.01
CA LYS A 832 -30.26 -28.68 4.56
C LYS A 832 -30.25 -28.88 6.07
N THR A 833 -29.39 -29.76 6.58
CA THR A 833 -29.32 -29.98 8.02
C THR A 833 -28.86 -28.73 8.75
N VAL A 834 -27.82 -28.07 8.23
CA VAL A 834 -27.32 -26.85 8.87
C VAL A 834 -28.38 -25.75 8.84
N LEU A 835 -29.03 -25.57 7.69
CA LEU A 835 -30.06 -24.54 7.59
C LEU A 835 -31.24 -24.81 8.50
N LYS A 836 -31.66 -26.08 8.60
CA LYS A 836 -32.77 -26.43 9.46
C LYS A 836 -32.42 -26.20 10.93
N ASP A 837 -31.20 -26.57 11.34
CA ASP A 837 -30.80 -26.31 12.72
C ASP A 837 -30.56 -24.82 12.98
N ALA A 838 -30.39 -24.02 11.93
CA ALA A 838 -30.27 -22.59 12.12
C ALA A 838 -31.64 -21.93 12.28
N VAL A 839 -32.54 -22.12 11.31
CA VAL A 839 -33.84 -21.47 11.34
C VAL A 839 -34.64 -21.95 12.56
N VAL A 840 -34.72 -23.26 12.75
CA VAL A 840 -35.24 -23.79 14.00
C VAL A 840 -34.20 -23.56 15.09
N ASN A 841 -34.67 -23.43 16.33
CA ASN A 841 -33.81 -23.17 17.48
C ASN A 841 -33.03 -21.86 17.29
N MET A 842 -33.80 -20.77 17.23
CA MET A 842 -33.24 -19.43 17.06
C MET A 842 -32.71 -18.85 18.37
N LYS A 843 -32.91 -19.53 19.49
CA LYS A 843 -32.47 -19.03 20.79
C LYS A 843 -30.98 -19.12 21.00
N GLN A 844 -30.21 -19.49 19.97
CA GLN A 844 -28.76 -19.63 20.09
C GLN A 844 -28.00 -18.41 19.60
N TRP A 845 -28.69 -17.33 19.24
CA TRP A 845 -28.06 -16.14 18.68
C TRP A 845 -28.26 -14.95 19.61
N ASN A 846 -27.21 -14.12 19.73
CA ASN A 846 -27.17 -13.00 20.65
C ASN A 846 -27.15 -11.69 19.88
N PHE A 847 -27.05 -10.57 20.62
CA PHE A 847 -26.96 -9.26 20.01
C PHE A 847 -25.51 -8.95 19.64
N GLU A 848 -24.85 -9.89 18.97
CA GLU A 848 -23.53 -9.65 18.42
C GLU A 848 -23.36 -10.21 17.02
N ASP A 849 -24.27 -11.05 16.56
CA ASP A 849 -24.17 -11.71 15.27
C ASP A 849 -24.89 -10.96 14.16
N PHE A 850 -25.45 -9.79 14.48
CA PHE A 850 -26.23 -9.03 13.50
C PHE A 850 -25.66 -7.65 13.20
N ILE A 851 -24.62 -7.22 13.90
CA ILE A 851 -24.03 -5.91 13.62
C ILE A 851 -23.26 -5.97 12.32
N GLN A 852 -23.55 -5.03 11.42
CA GLN A 852 -22.82 -4.96 10.16
C GLN A 852 -22.36 -3.54 9.90
N THR A 853 -21.20 -3.42 9.26
CA THR A 853 -20.54 -2.14 9.07
C THR A 853 -20.56 -1.75 7.60
N ASP A 854 -20.69 -0.44 7.35
CA ASP A 854 -20.70 0.09 6.00
C ASP A 854 -20.08 1.47 6.00
N ALA A 855 -19.54 1.86 4.84
CA ALA A 855 -18.87 3.14 4.70
C ALA A 855 -19.86 4.23 4.31
N TRP A 856 -19.56 5.46 4.72
CA TRP A 856 -20.39 6.62 4.42
C TRP A 856 -19.60 7.53 3.49
N ARG A 857 -19.95 7.51 2.21
CA ARG A 857 -19.26 8.30 1.19
C ARG A 857 -20.26 9.24 0.52
N PRO A 858 -20.29 10.51 0.90
CA PRO A 858 -21.27 11.44 0.31
C PRO A 858 -21.15 11.59 -1.20
N ASP A 859 -19.94 11.52 -1.76
CA ASP A 859 -19.79 11.71 -3.20
C ASP A 859 -20.47 10.59 -3.98
N LYS A 860 -20.33 9.35 -3.53
CA LYS A 860 -21.00 8.23 -4.19
C LYS A 860 -22.50 8.28 -3.91
N ASP A 861 -23.27 7.75 -4.86
CA ASP A 861 -24.72 7.88 -4.78
C ASP A 861 -25.31 6.92 -3.75
N ASN A 862 -25.20 5.61 -4.01
CA ASN A 862 -25.79 4.57 -3.18
C ASN A 862 -27.30 4.75 -3.08
N LYS A 863 -27.98 3.84 -2.41
CA LYS A 863 -29.41 4.00 -2.27
C LYS A 863 -29.90 3.83 -0.83
N ALA A 864 -29.29 2.92 -0.07
CA ALA A 864 -29.81 2.59 1.25
C ALA A 864 -29.31 3.56 2.32
N VAL A 865 -28.01 3.87 2.30
CA VAL A 865 -27.45 4.73 3.34
C VAL A 865 -27.96 6.17 3.21
N GLN A 866 -28.24 6.61 1.98
CA GLN A 866 -28.66 7.99 1.75
C GLN A 866 -30.09 8.27 2.21
N ILE A 867 -30.88 7.23 2.47
CA ILE A 867 -32.19 7.40 3.10
C ILE A 867 -32.08 7.37 4.62
N PHE A 868 -31.19 6.52 5.14
CA PHE A 868 -30.94 6.49 6.57
C PHE A 868 -30.40 7.83 7.06
N MET A 869 -29.48 8.42 6.29
CA MET A 869 -28.93 9.72 6.67
C MET A 869 -30.00 10.80 6.70
N SER A 870 -30.89 10.81 5.70
CA SER A 870 -31.96 11.80 5.68
C SER A 870 -32.93 11.59 6.84
N ARG A 871 -33.25 10.34 7.15
CA ARG A 871 -34.11 10.06 8.30
C ARG A 871 -33.49 10.56 9.59
N MET A 872 -32.20 10.30 9.77
CA MET A 872 -31.53 10.76 11.00
C MET A 872 -31.45 12.27 11.05
N HIS A 873 -31.26 12.92 9.90
CA HIS A 873 -31.25 14.38 9.87
C HIS A 873 -32.60 14.96 10.28
N ALA A 874 -33.68 14.38 9.76
CA ALA A 874 -35.02 14.85 10.15
C ALA A 874 -35.27 14.63 11.63
N ARG A 875 -34.85 13.47 12.15
CA ARG A 875 -35.02 13.19 13.57
C ARG A 875 -34.22 14.18 14.42
N ARG A 876 -33.00 14.51 13.98
CA ARG A 876 -32.19 15.49 14.70
C ARG A 876 -32.85 16.86 14.70
N GLU A 877 -33.42 17.27 13.56
CA GLU A 877 -34.12 18.54 13.51
C GLU A 877 -35.31 18.56 14.45
N GLN A 878 -36.08 17.47 14.48
CA GLN A 878 -37.23 17.40 15.38
C GLN A 878 -36.79 17.47 16.84
N LEU A 879 -35.70 16.78 17.18
CA LEU A 879 -35.21 16.82 18.56
C LEU A 879 -34.73 18.21 18.92
N LYS A 880 -34.00 18.87 18.02
CA LYS A 880 -33.49 20.21 18.30
C LYS A 880 -34.61 21.25 18.38
N LYS A 881 -35.73 21.02 17.69
CA LYS A 881 -36.86 21.94 17.77
C LYS A 881 -37.33 22.13 19.21
N HIS A 882 -37.80 21.05 19.84
CA HIS A 882 -38.26 21.13 21.21
C HIS A 882 -37.12 21.42 22.19
N GLY A 883 -35.90 21.01 21.87
CA GLY A 883 -34.76 21.24 22.74
C GLY A 883 -34.33 20.02 23.51
N ALA A 884 -33.29 19.34 23.01
CA ALA A 884 -32.78 18.14 23.65
C ALA A 884 -31.42 17.81 23.04
N ALA A 885 -30.76 16.80 23.59
CA ALA A 885 -29.48 16.36 23.08
C ALA A 885 -29.67 15.71 21.72
N ALA A 886 -28.81 16.08 20.75
CA ALA A 886 -28.89 15.54 19.40
C ALA A 886 -27.54 15.06 18.90
N SER A 887 -26.55 14.93 19.78
CA SER A 887 -25.23 14.46 19.37
C SER A 887 -25.21 12.96 19.12
N GLN A 888 -26.22 12.23 19.60
CA GLN A 888 -26.27 10.79 19.38
C GLN A 888 -26.49 10.43 17.92
N PHE A 889 -26.98 11.35 17.11
CA PHE A 889 -27.26 11.10 15.70
C PHE A 889 -26.36 11.91 14.78
N ALA A 890 -25.12 12.18 15.21
CA ALA A 890 -24.20 12.95 14.39
C ALA A 890 -23.71 12.13 13.21
N GLU A 891 -23.58 12.78 12.06
CA GLU A 891 -23.10 12.11 10.87
C GLU A 891 -21.64 11.71 11.04
N PRO A 892 -21.25 10.52 10.60
CA PRO A 892 -19.84 10.12 10.69
C PRO A 892 -18.98 10.94 9.73
N GLU A 893 -17.69 10.99 10.05
CA GLU A 893 -16.76 11.73 9.20
C GLU A 893 -16.70 11.09 7.82
N PRO A 894 -16.56 11.89 6.77
CA PRO A 894 -16.54 11.32 5.41
C PRO A 894 -15.40 10.32 5.24
N GLY A 895 -15.71 9.23 4.54
CA GLY A 895 -14.75 8.17 4.29
C GLY A 895 -14.62 7.15 5.40
N GLU A 896 -15.31 7.34 6.52
CA GLU A 896 -15.23 6.43 7.65
C GLU A 896 -16.39 5.43 7.62
N ARG A 897 -16.24 4.37 8.40
CA ARG A 897 -17.22 3.29 8.45
C ARG A 897 -18.00 3.34 9.76
N PHE A 898 -19.28 2.98 9.67
CA PHE A 898 -20.17 2.98 10.82
C PHE A 898 -20.90 1.64 10.90
N SER A 899 -21.25 1.26 12.12
CA SER A 899 -21.94 0.01 12.40
C SER A 899 -23.44 0.25 12.54
N TYR A 900 -24.22 -0.75 12.15
CA TYR A 900 -25.67 -0.63 12.22
C TYR A 900 -26.32 -1.99 12.31
N VAL A 901 -27.60 -1.98 12.68
CA VAL A 901 -28.43 -3.17 12.82
C VAL A 901 -29.76 -2.88 12.15
N ILE A 902 -30.53 -3.95 11.92
CA ILE A 902 -31.84 -3.85 11.26
C ILE A 902 -32.91 -4.32 12.25
N VAL A 903 -33.94 -3.50 12.44
CA VAL A 903 -34.96 -3.78 13.44
C VAL A 903 -36.33 -3.94 12.78
N GLU A 904 -37.35 -4.21 13.58
CA GLU A 904 -38.70 -4.42 13.09
C GLU A 904 -39.49 -3.11 13.13
N LYS A 905 -40.13 -2.78 12.02
CA LYS A 905 -40.93 -1.58 11.90
C LYS A 905 -42.40 -1.95 11.77
N GLN A 906 -43.23 -1.38 12.64
CA GLN A 906 -44.65 -1.70 12.66
C GLN A 906 -45.38 -0.92 11.58
N VAL A 907 -46.70 -1.08 11.53
CA VAL A 907 -47.53 -0.38 10.56
C VAL A 907 -48.56 0.48 11.27
N SER A 918 -42.71 1.40 4.13
CA SER A 918 -41.74 0.50 4.73
C SER A 918 -41.32 -0.59 3.75
N SER A 919 -40.97 -1.76 4.28
CA SER A 919 -40.53 -2.90 3.48
C SER A 919 -39.32 -2.56 2.63
N ARG A 920 -38.48 -1.65 3.12
CA ARG A 920 -37.26 -1.24 2.42
C ARG A 920 -36.11 -1.16 3.42
N LYS A 921 -34.93 -1.57 2.99
CA LYS A 921 -33.73 -1.28 3.76
C LYS A 921 -33.45 0.21 3.71
N GLY A 922 -32.97 0.76 4.82
CA GLY A 922 -32.83 2.18 4.98
C GLY A 922 -34.00 2.81 5.70
N ASP A 923 -35.17 2.18 5.64
CA ASP A 923 -36.29 2.51 6.51
C ASP A 923 -36.33 1.61 7.74
N LYS A 924 -35.34 0.71 7.88
CA LYS A 924 -35.24 -0.16 9.05
C LYS A 924 -33.87 -0.13 9.70
N MET A 925 -32.90 0.57 9.11
CA MET A 925 -31.57 0.66 9.70
C MET A 925 -31.60 1.50 10.97
N GLU A 926 -30.84 1.07 11.98
CA GLU A 926 -30.67 1.84 13.19
C GLU A 926 -29.24 1.68 13.68
N TYR A 927 -28.80 2.67 14.46
CA TYR A 927 -27.48 2.62 15.08
C TYR A 927 -27.45 1.59 16.20
N VAL A 928 -26.24 1.14 16.54
CA VAL A 928 -26.10 0.13 17.58
C VAL A 928 -26.46 0.71 18.94
N SER A 929 -25.98 1.92 19.23
CA SER A 929 -26.25 2.53 20.54
C SER A 929 -27.74 2.81 20.73
N GLU A 930 -28.39 3.37 19.71
CA GLU A 930 -29.81 3.66 19.81
C GLU A 930 -30.63 2.39 19.98
N ALA A 931 -30.28 1.34 19.24
CA ALA A 931 -30.99 0.07 19.36
C ALA A 931 -30.78 -0.54 20.74
N LYS A 932 -29.57 -0.47 21.27
CA LYS A 932 -29.30 -1.02 22.60
C LYS A 932 -30.05 -0.26 23.67
N ALA A 933 -30.16 1.07 23.53
CA ALA A 933 -30.84 1.88 24.54
C ALA A 933 -32.33 1.53 24.61
N LYS A 934 -32.98 1.37 23.45
CA LYS A 934 -34.43 1.22 23.38
C LYS A 934 -34.84 -0.19 22.92
N ASN A 935 -34.03 -1.20 23.26
CA ASN A 935 -34.32 -2.59 22.92
C ASN A 935 -34.41 -2.81 21.42
N LEU A 936 -35.56 -2.47 20.83
CA LEU A 936 -35.76 -2.56 19.39
C LEU A 936 -35.43 -3.94 18.84
N PRO A 937 -36.31 -4.93 19.03
CA PRO A 937 -35.99 -6.31 18.64
C PRO A 937 -35.69 -6.43 17.15
N ILE A 938 -34.84 -7.40 16.82
CA ILE A 938 -34.27 -7.57 15.49
C ILE A 938 -35.17 -8.48 14.66
N ASP A 939 -35.20 -8.24 13.35
CA ASP A 939 -35.86 -9.11 12.40
C ASP A 939 -34.83 -10.12 11.89
N ILE A 940 -35.03 -11.40 12.23
CA ILE A 940 -34.07 -12.42 11.84
C ILE A 940 -34.40 -13.00 10.45
N LEU A 941 -35.68 -13.05 10.10
CA LEU A 941 -36.08 -13.60 8.80
C LEU A 941 -35.50 -12.77 7.66
N PHE A 942 -35.42 -11.46 7.84
CA PHE A 942 -34.79 -10.61 6.83
C PHE A 942 -33.33 -11.01 6.63
N TYR A 943 -32.60 -11.18 7.73
CA TYR A 943 -31.20 -11.57 7.63
C TYR A 943 -31.06 -12.91 6.92
N ILE A 944 -31.88 -13.90 7.31
CA ILE A 944 -31.83 -15.21 6.67
C ILE A 944 -32.07 -15.06 5.17
N ASN A 945 -33.26 -14.59 4.79
CA ASN A 945 -33.68 -14.55 3.40
C ASN A 945 -32.82 -13.65 2.53
N ASN A 946 -32.08 -12.71 3.12
CA ASN A 946 -31.25 -11.83 2.31
C ASN A 946 -29.78 -12.22 2.29
N TYR A 947 -29.31 -13.03 3.25
CA TYR A 947 -27.87 -13.27 3.26
C TYR A 947 -27.48 -14.74 3.26
N VAL A 948 -28.24 -15.61 3.94
CA VAL A 948 -27.80 -17.00 4.05
C VAL A 948 -28.17 -17.80 2.82
N LEU A 949 -29.27 -17.42 2.15
CA LEU A 949 -29.78 -18.22 1.04
C LEU A 949 -28.81 -18.20 -0.13
N GLY A 950 -28.17 -17.07 -0.40
CA GLY A 950 -27.23 -17.01 -1.52
C GLY A 950 -26.05 -17.94 -1.35
N LEU A 951 -25.45 -17.92 -0.16
CA LEU A 951 -24.33 -18.82 0.12
C LEU A 951 -24.76 -20.28 0.06
N CYS A 952 -25.90 -20.60 0.71
CA CYS A 952 -26.36 -21.98 0.72
C CYS A 952 -26.71 -22.46 -0.68
N ALA A 953 -27.16 -21.57 -1.56
CA ALA A 953 -27.45 -21.95 -2.93
C ALA A 953 -26.18 -22.11 -3.75
N ARG A 954 -25.15 -21.30 -3.44
CA ARG A 954 -23.87 -21.47 -4.12
C ARG A 954 -23.24 -22.82 -3.78
N PHE A 955 -23.42 -23.30 -2.55
CA PHE A 955 -22.88 -24.62 -2.20
C PHE A 955 -23.53 -25.74 -3.01
N ILE A 956 -24.84 -25.67 -3.24
CA ILE A 956 -25.56 -26.78 -3.85
C ILE A 956 -25.93 -26.47 -5.29
N ASN A 957 -25.13 -25.62 -5.94
CA ASN A 957 -25.40 -25.23 -7.32
C ASN A 957 -25.24 -26.41 -8.27
N GLU A 958 -24.29 -27.30 -8.00
CA GLU A 958 -23.86 -28.30 -8.98
C GLU A 958 -24.92 -29.33 -9.33
N ASN A 959 -25.99 -29.44 -8.53
CA ASN A 959 -26.92 -30.56 -8.68
C ASN A 959 -27.59 -30.54 -10.06
N GLU A 960 -28.10 -31.72 -10.45
CA GLU A 960 -28.62 -31.89 -11.80
C GLU A 960 -29.97 -31.22 -11.99
N GLU A 961 -30.83 -31.27 -10.96
CA GLU A 961 -32.20 -30.80 -11.12
C GLU A 961 -32.29 -29.29 -11.36
N PHE A 962 -31.22 -28.56 -11.11
CA PHE A 962 -31.20 -27.11 -11.32
C PHE A 962 -30.63 -26.72 -12.68
N GLN A 963 -30.21 -27.69 -13.49
CA GLN A 963 -29.52 -27.39 -14.73
C GLN A 963 -30.51 -26.95 -15.82
N PRO A 964 -30.06 -26.12 -16.76
CA PRO A 964 -30.93 -25.70 -17.84
C PRO A 964 -30.81 -26.62 -19.04
N PRO A 965 -31.71 -26.51 -20.02
CA PRO A 965 -31.52 -27.24 -21.28
C PRO A 965 -30.36 -26.69 -22.10
N ASP A 966 -30.15 -27.25 -23.29
CA ASP A 966 -28.99 -26.89 -24.10
C ASP A 966 -29.10 -25.51 -24.73
N ASN A 967 -30.29 -24.89 -24.74
CA ASN A 967 -30.45 -23.61 -25.40
C ASN A 967 -29.88 -22.45 -24.57
N VAL A 968 -29.97 -22.54 -23.25
CA VAL A 968 -29.55 -21.44 -22.39
C VAL A 968 -28.02 -21.30 -22.43
N SER A 969 -27.54 -20.07 -22.55
CA SER A 969 -26.11 -19.82 -22.61
C SER A 969 -25.48 -19.78 -21.21
N ASN A 970 -25.93 -18.84 -20.39
CA ASN A 970 -25.38 -18.65 -19.04
C ASN A 970 -26.05 -19.60 -18.05
N LYS A 971 -25.54 -20.83 -18.01
CA LYS A 971 -26.15 -21.87 -17.18
C LYS A 971 -26.00 -21.56 -15.69
N ASP A 972 -24.88 -20.96 -15.29
CA ASP A 972 -24.60 -20.79 -13.87
C ASP A 972 -25.63 -19.88 -13.20
N GLU A 973 -25.98 -18.77 -13.85
CA GLU A 973 -26.94 -17.85 -13.26
C GLU A 973 -28.32 -18.49 -13.14
N TYR A 974 -28.73 -19.23 -14.16
CA TYR A 974 -30.01 -19.95 -14.12
C TYR A 974 -30.03 -20.93 -12.96
N ALA A 975 -28.95 -21.71 -12.81
CA ALA A 975 -28.89 -22.70 -11.74
C ALA A 975 -28.90 -22.03 -10.38
N GLN A 976 -28.22 -20.88 -10.25
CA GLN A 976 -28.24 -20.15 -8.99
C GLN A 976 -29.63 -19.67 -8.63
N ARG A 977 -30.36 -19.12 -9.61
CA ARG A 977 -31.73 -18.70 -9.36
C ARG A 977 -32.59 -19.88 -8.91
N ARG A 978 -32.49 -21.01 -9.61
CA ARG A 978 -33.30 -22.16 -9.23
C ARG A 978 -32.95 -22.69 -7.85
N ALA A 979 -31.67 -22.74 -7.50
CA ALA A 979 -31.28 -23.19 -6.16
C ALA A 979 -31.81 -22.24 -5.10
N LYS A 980 -31.72 -20.93 -5.33
CA LYS A 980 -32.24 -19.97 -4.37
C LYS A 980 -33.74 -20.15 -4.18
N SER A 981 -34.49 -20.35 -5.27
CA SER A 981 -35.94 -20.53 -5.15
C SER A 981 -36.27 -21.82 -4.40
N TYR A 982 -35.54 -22.91 -4.69
CA TYR A 982 -35.79 -24.17 -4.01
C TYR A 982 -35.55 -24.04 -2.51
N LEU A 983 -34.44 -23.40 -2.14
CA LEU A 983 -34.14 -23.23 -0.72
C LEU A 983 -35.13 -22.28 -0.05
N GLN A 984 -35.60 -21.27 -0.77
CA GLN A 984 -36.62 -20.38 -0.22
C GLN A 984 -37.91 -21.12 0.07
N LYS A 985 -38.34 -21.99 -0.85
CA LYS A 985 -39.53 -22.80 -0.59
C LYS A 985 -39.30 -23.72 0.60
N PHE A 986 -38.11 -24.31 0.70
CA PHE A 986 -37.81 -25.18 1.82
C PHE A 986 -37.90 -24.44 3.15
N VAL A 987 -37.30 -23.24 3.21
CA VAL A 987 -37.28 -22.51 4.47
C VAL A 987 -38.66 -21.99 4.83
N GLN A 988 -39.49 -21.66 3.84
CA GLN A 988 -40.87 -21.33 4.15
C GLN A 988 -41.64 -22.55 4.63
N SER A 989 -41.29 -23.74 4.15
CA SER A 989 -42.01 -24.95 4.57
C SER A 989 -41.64 -25.36 5.99
N ILE A 990 -40.37 -25.22 6.37
CA ILE A 990 -39.94 -25.77 7.66
C ILE A 990 -40.53 -24.99 8.82
N HIS A 991 -40.55 -23.66 8.74
CA HIS A 991 -40.99 -22.82 9.84
C HIS A 991 -41.64 -21.56 9.27
N PRO A 992 -42.98 -21.52 9.21
CA PRO A 992 -43.72 -20.37 8.69
C PRO A 992 -43.52 -19.10 9.51
MG MG D . 2.07 -17.56 -9.75
PA TTP E . 0.45 -14.30 -9.59
O1A TTP E . 0.55 -15.64 -10.27
O2A TTP E . -0.56 -14.10 -8.51
O3A TTP E . 1.90 -13.96 -9.02
PB TTP E . 3.30 -13.79 -9.78
O1B TTP E . 3.39 -14.84 -10.84
O2B TTP E . 3.51 -12.36 -10.12
O3B TTP E . 4.30 -14.20 -8.60
PG TTP E . 4.26 -15.48 -7.62
O1G TTP E . 5.62 -15.57 -6.99
O2G TTP E . 3.17 -15.19 -6.62
O3G TTP E . 3.93 -16.67 -8.51
O5' TTP E . 0.30 -13.15 -10.69
C5' TTP E . -0.56 -13.36 -11.84
C4' TTP E . -0.71 -12.07 -12.59
O4' TTP E . -1.64 -11.20 -11.92
C3' TTP E . 0.55 -11.22 -12.70
O3' TTP E . 1.46 -11.70 -13.67
C2' TTP E . -0.04 -9.86 -13.07
C1' TTP E . -1.39 -9.87 -12.35
N1 TTP E . -1.45 -9.00 -11.15
C2 TTP E . -1.59 -7.63 -11.34
O2 TTP E . -1.65 -7.12 -12.45
N3 TTP E . -1.64 -6.90 -10.18
C4 TTP E . -1.58 -7.38 -8.88
O4 TTP E . -1.64 -6.59 -7.94
C5 TTP E . -1.44 -8.81 -8.77
C5M TTP E . -1.36 -9.42 -7.39
C6 TTP E . -1.38 -9.54 -9.89
#